data_8ITN
#
_entry.id   8ITN
#
_cell.length_a   94.077
_cell.length_b   58.908
_cell.length_c   251.932
_cell.angle_alpha   90.00
_cell.angle_beta   96.69
_cell.angle_gamma   90.00
#
_symmetry.space_group_name_H-M   'C 1 2 1'
#
loop_
_entity.id
_entity.type
_entity.pdbx_description
1 polymer 'Ubiquitin carboxyl-terminal hydrolase 47'
2 non-polymer 'ZINC ION'
3 water water
#
_entity_poly.entity_id   1
_entity_poly.type   'polypeptide(L)'
_entity_poly.pdbx_seq_one_letter_code
;MVRVEDSNGADTDTNPEGESSGYVRLAGNGLPGGEQQQASSSGVAAAPSVDSSPGRSVPLAIASSSSPANVANNQYAIPV
DENGHRYVGLVNQAMTCYLNSLVQSLYMTPEFRNAMYDWEYVQQPAHIKEQRKKAEQSIPCQLQKLFLLLQTSENDSLET
KDLTQSFGWTSNEAYDQHDVQELCRLMFDALEHKWKGTEHEKLIQDLYRGTMEDFVACLKCGRESVKTDYFLDLPLAVKP
FGAIHAYKSVEEALTAFVQPELLDGSNQYMCENCKSKQDAHKGLRITQFPYLLTIQLKRFDFDYNTMHRIKLNDKMTFPD
VLDLNDYVNKEKRSTTSSAWQQIGKNKSENEEDDMELGSPNPKRCTPGVQSPNRYQGSENVCVGQPIDHAAVDDIVKTSG
DNVYELFSVMVHSGNAAGGHYFAYIKNLDQDRWYVFNDTRVDFATPLEIEKSFGGHPSGWNQSNTNAYMLMYRRIDPKRN
ARFILSNQLPQHIKDSQEKWKRLEREAE
;
_entity_poly.pdbx_strand_id   A,B,C
#
# COMPACT_ATOMS: atom_id res chain seq x y z
N TYR A 76 -19.82 4.73 -22.61
CA TYR A 76 -18.99 3.74 -23.30
C TYR A 76 -18.84 2.49 -22.44
N ALA A 77 -19.38 2.52 -21.23
CA ALA A 77 -19.22 1.43 -20.29
C ALA A 77 -20.21 0.30 -20.59
N ILE A 78 -20.01 -0.81 -19.89
CA ILE A 78 -20.86 -2.00 -20.06
C ILE A 78 -21.32 -2.49 -18.70
N PRO A 79 -22.52 -3.07 -18.59
CA PRO A 79 -22.99 -3.58 -17.29
C PRO A 79 -22.17 -4.80 -16.87
N VAL A 80 -21.56 -4.70 -15.68
CA VAL A 80 -20.76 -5.78 -15.13
C VAL A 80 -21.24 -6.08 -13.72
N ASP A 81 -20.93 -7.29 -13.25
CA ASP A 81 -21.29 -7.71 -11.91
C ASP A 81 -20.25 -7.25 -10.90
N GLU A 82 -20.59 -7.35 -9.62
CA GLU A 82 -19.69 -6.97 -8.55
C GLU A 82 -18.32 -7.60 -8.78
N ASN A 83 -18.32 -8.79 -9.38
CA ASN A 83 -17.08 -9.48 -9.69
C ASN A 83 -16.36 -8.86 -10.89
N GLY A 84 -16.93 -7.85 -11.53
CA GLY A 84 -16.37 -7.36 -12.77
C GLY A 84 -16.67 -8.28 -13.93
N HIS A 85 -17.86 -8.88 -13.95
CA HIS A 85 -18.25 -9.86 -14.95
C HIS A 85 -19.57 -9.40 -15.57
N ARG A 86 -19.67 -9.56 -16.90
CA ARG A 86 -20.82 -9.03 -17.62
C ARG A 86 -22.10 -9.76 -17.24
N TYR A 87 -23.18 -9.00 -17.06
CA TYR A 87 -24.47 -9.59 -16.73
C TYR A 87 -24.95 -10.49 -17.86
N VAL A 88 -25.55 -11.61 -17.48
CA VAL A 88 -26.00 -12.63 -18.44
C VAL A 88 -27.52 -12.63 -18.47
N GLY A 89 -28.08 -12.68 -19.69
CA GLY A 89 -29.51 -12.68 -19.88
C GLY A 89 -30.07 -14.08 -20.06
N LEU A 90 -31.36 -14.14 -20.35
CA LEU A 90 -32.10 -15.40 -20.53
C LEU A 90 -32.67 -15.47 -21.93
N VAL A 91 -33.16 -16.65 -22.30
CA VAL A 91 -33.70 -16.87 -23.64
C VAL A 91 -34.98 -16.07 -23.82
N ASN A 92 -35.46 -16.02 -25.07
CA ASN A 92 -36.69 -15.28 -25.36
C ASN A 92 -37.88 -15.91 -24.65
N GLN A 93 -38.80 -15.05 -24.20
CA GLN A 93 -39.96 -15.49 -23.42
C GLN A 93 -41.01 -16.10 -24.34
N ALA A 94 -40.69 -17.29 -24.85
CA ALA A 94 -41.60 -18.06 -25.69
C ALA A 94 -42.74 -18.58 -24.81
N MET A 95 -43.71 -17.69 -24.56
CA MET A 95 -44.91 -17.91 -23.74
C MET A 95 -44.58 -18.20 -22.27
N THR A 96 -43.34 -17.94 -21.83
CA THR A 96 -42.99 -18.14 -20.43
C THR A 96 -43.40 -16.98 -19.54
N CYS A 97 -43.73 -15.82 -20.12
CA CYS A 97 -44.32 -14.69 -19.41
C CYS A 97 -43.37 -14.23 -18.30
N TYR A 98 -43.79 -14.25 -17.04
CA TYR A 98 -43.03 -13.68 -15.94
C TYR A 98 -41.80 -14.48 -15.56
N LEU A 99 -41.59 -15.65 -16.19
CA LEU A 99 -40.55 -16.59 -15.74
C LEU A 99 -39.18 -15.91 -15.66
N ASN A 100 -38.72 -15.33 -16.77
CA ASN A 100 -37.41 -14.71 -16.79
C ASN A 100 -37.30 -13.59 -15.75
N SER A 101 -38.31 -12.71 -15.71
CA SER A 101 -38.29 -11.62 -14.74
C SER A 101 -38.26 -12.14 -13.31
N LEU A 102 -38.89 -13.29 -13.06
CA LEU A 102 -38.88 -13.87 -11.71
C LEU A 102 -37.53 -14.47 -11.39
N VAL A 103 -36.95 -15.20 -12.35
CA VAL A 103 -35.65 -15.84 -12.13
C VAL A 103 -34.58 -14.79 -11.83
N GLN A 104 -34.50 -13.75 -12.66
CA GLN A 104 -33.49 -12.72 -12.47
C GLN A 104 -33.69 -11.98 -11.16
N SER A 105 -34.95 -11.69 -10.80
CA SER A 105 -35.23 -10.99 -9.55
C SER A 105 -34.78 -11.82 -8.35
N LEU A 106 -34.96 -13.14 -8.41
CA LEU A 106 -34.47 -14.00 -7.34
C LEU A 106 -32.96 -14.13 -7.40
N TYR A 107 -32.39 -14.19 -8.60
CA TYR A 107 -30.94 -14.25 -8.73
C TYR A 107 -30.26 -12.99 -8.23
N MET A 108 -30.95 -11.85 -8.31
CA MET A 108 -30.42 -10.58 -7.84
C MET A 108 -30.78 -10.29 -6.38
N THR A 109 -31.29 -11.28 -5.65
CA THR A 109 -31.52 -11.13 -4.23
C THR A 109 -30.31 -11.69 -3.48
N PRO A 110 -29.60 -10.86 -2.70
CA PRO A 110 -28.34 -11.34 -2.09
C PRO A 110 -28.52 -12.55 -1.18
N GLU A 111 -29.44 -12.48 -0.23
CA GLU A 111 -29.64 -13.61 0.69
C GLU A 111 -30.09 -14.86 -0.06
N PHE A 112 -30.92 -14.70 -1.09
CA PHE A 112 -31.42 -15.86 -1.82
C PHE A 112 -30.30 -16.54 -2.60
N ARG A 113 -29.54 -15.75 -3.37
CA ARG A 113 -28.46 -16.34 -4.17
C ARG A 113 -27.37 -16.91 -3.28
N ASN A 114 -27.09 -16.26 -2.15
CA ASN A 114 -26.07 -16.78 -1.24
C ASN A 114 -26.49 -18.11 -0.63
N ALA A 115 -27.80 -18.28 -0.38
CA ALA A 115 -28.27 -19.54 0.18
C ALA A 115 -28.38 -20.64 -0.86
N MET A 116 -28.35 -20.30 -2.15
CA MET A 116 -28.52 -21.29 -3.21
C MET A 116 -27.26 -22.12 -3.45
N TYR A 117 -26.15 -21.83 -2.76
CA TYR A 117 -24.89 -22.53 -2.99
C TYR A 117 -24.80 -23.79 -2.13
N ASP A 118 -24.65 -23.61 -0.82
CA ASP A 118 -24.58 -24.74 0.10
C ASP A 118 -25.90 -24.92 0.85
N LYS A 133 -30.19 -43.38 -8.88
CA LYS A 133 -31.23 -42.56 -9.49
C LYS A 133 -30.71 -41.15 -9.75
N LYS A 134 -31.44 -40.39 -10.58
CA LYS A 134 -31.05 -39.03 -10.93
C LYS A 134 -32.14 -38.08 -10.46
N ALA A 135 -31.80 -37.21 -9.51
CA ALA A 135 -32.72 -36.21 -8.99
C ALA A 135 -32.68 -34.92 -9.80
N GLU A 136 -32.55 -35.02 -11.12
CA GLU A 136 -32.53 -33.84 -11.96
C GLU A 136 -33.88 -33.13 -11.98
N GLN A 137 -34.95 -33.81 -11.58
CA GLN A 137 -36.27 -33.18 -11.54
C GLN A 137 -36.43 -32.26 -10.34
N SER A 138 -35.45 -32.19 -9.45
CA SER A 138 -35.55 -31.31 -8.29
C SER A 138 -35.49 -29.85 -8.72
N ILE A 139 -36.47 -29.07 -8.27
CA ILE A 139 -36.42 -27.63 -8.51
C ILE A 139 -35.16 -26.99 -7.94
N PRO A 140 -34.70 -27.31 -6.72
CA PRO A 140 -33.49 -26.62 -6.22
C PRO A 140 -32.25 -26.83 -7.07
N CYS A 141 -32.03 -28.04 -7.59
CA CYS A 141 -30.80 -28.30 -8.33
C CYS A 141 -30.77 -27.56 -9.66
N GLN A 142 -31.92 -27.45 -10.34
CA GLN A 142 -31.96 -26.69 -11.58
C GLN A 142 -31.81 -25.20 -11.32
N LEU A 143 -32.38 -24.70 -10.22
CA LEU A 143 -32.19 -23.31 -9.85
C LEU A 143 -30.75 -23.02 -9.47
N GLN A 144 -30.08 -24.00 -8.85
CA GLN A 144 -28.69 -23.82 -8.47
C GLN A 144 -27.78 -23.83 -9.71
N LYS A 145 -28.05 -24.73 -10.66
CA LYS A 145 -27.27 -24.76 -11.89
C LYS A 145 -27.43 -23.47 -12.69
N LEU A 146 -28.67 -22.96 -12.77
CA LEU A 146 -28.91 -21.74 -13.53
C LEU A 146 -28.28 -20.52 -12.84
N PHE A 147 -28.30 -20.49 -11.50
CA PHE A 147 -27.70 -19.37 -10.79
C PHE A 147 -26.18 -19.36 -10.96
N LEU A 148 -25.55 -20.53 -10.86
CA LEU A 148 -24.10 -20.60 -11.04
C LEU A 148 -23.71 -20.20 -12.45
N LEU A 149 -24.48 -20.63 -13.45
CA LEU A 149 -24.21 -20.23 -14.82
C LEU A 149 -24.39 -18.73 -14.99
N LEU A 150 -25.47 -18.17 -14.45
CA LEU A 150 -25.70 -16.74 -14.53
C LEU A 150 -24.60 -15.92 -13.87
N GLN A 151 -23.86 -16.52 -12.94
CA GLN A 151 -22.83 -15.79 -12.21
C GLN A 151 -21.45 -15.96 -12.83
N THR A 152 -21.18 -17.09 -13.49
CA THR A 152 -19.86 -17.39 -14.00
C THR A 152 -19.76 -17.42 -15.52
N SER A 153 -20.84 -17.76 -16.23
CA SER A 153 -20.76 -17.88 -17.67
C SER A 153 -20.55 -16.53 -18.33
N GLU A 154 -19.87 -16.55 -19.48
CA GLU A 154 -19.59 -15.34 -20.24
C GLU A 154 -20.51 -15.18 -21.44
N ASN A 155 -21.45 -16.11 -21.64
CA ASN A 155 -22.38 -16.02 -22.75
C ASN A 155 -23.33 -14.84 -22.53
N ASP A 156 -24.23 -14.63 -23.48
CA ASP A 156 -25.20 -13.55 -23.43
C ASP A 156 -26.58 -14.01 -22.93
N SER A 157 -27.03 -15.19 -23.35
CA SER A 157 -28.34 -15.69 -22.97
C SER A 157 -28.23 -17.12 -22.49
N LEU A 158 -29.14 -17.50 -21.60
CA LEU A 158 -29.19 -18.84 -21.01
C LEU A 158 -30.55 -19.47 -21.25
N GLU A 159 -30.55 -20.80 -21.32
CA GLU A 159 -31.77 -21.57 -21.56
C GLU A 159 -32.51 -21.82 -20.25
N THR A 160 -33.85 -21.87 -20.34
CA THR A 160 -34.71 -22.14 -19.20
C THR A 160 -35.59 -23.37 -19.44
N LYS A 161 -35.17 -24.27 -20.32
CA LYS A 161 -35.97 -25.45 -20.60
C LYS A 161 -35.90 -26.46 -19.46
N ASP A 162 -34.74 -26.59 -18.82
CA ASP A 162 -34.61 -27.54 -17.72
C ASP A 162 -35.28 -27.04 -16.45
N LEU A 163 -35.35 -25.72 -16.28
CA LEU A 163 -36.03 -25.16 -15.10
C LEU A 163 -37.54 -25.36 -15.20
N THR A 164 -38.12 -25.03 -16.35
CA THR A 164 -39.55 -25.26 -16.55
C THR A 164 -39.88 -26.75 -16.59
N GLN A 165 -38.90 -27.60 -16.91
CA GLN A 165 -39.10 -29.04 -16.81
C GLN A 165 -39.14 -29.47 -15.35
N SER A 166 -38.27 -28.90 -14.51
CA SER A 166 -38.27 -29.21 -13.09
C SER A 166 -39.56 -28.76 -12.42
N PHE A 167 -40.19 -27.69 -12.93
CA PHE A 167 -41.48 -27.28 -12.42
C PHE A 167 -42.58 -28.28 -12.75
N GLY A 168 -42.38 -29.08 -13.79
CA GLY A 168 -43.45 -29.91 -14.33
C GLY A 168 -44.39 -29.20 -15.27
N TRP A 169 -44.07 -27.97 -15.67
CA TRP A 169 -44.94 -27.18 -16.53
C TRP A 169 -44.54 -27.38 -17.99
N THR A 170 -44.85 -28.59 -18.48
CA THR A 170 -44.48 -28.95 -19.85
C THR A 170 -45.38 -28.31 -20.88
N SER A 171 -46.62 -27.99 -20.52
CA SER A 171 -47.57 -27.44 -21.47
C SER A 171 -47.08 -26.08 -21.99
N ASN A 172 -47.46 -25.78 -23.23
CA ASN A 172 -47.08 -24.50 -23.83
C ASN A 172 -47.79 -23.34 -23.15
N GLU A 173 -49.05 -23.54 -22.74
CA GLU A 173 -49.82 -22.52 -22.05
C GLU A 173 -49.70 -22.61 -20.54
N ALA A 174 -48.58 -23.14 -20.04
CA ALA A 174 -48.44 -23.35 -18.60
C ALA A 174 -48.38 -22.03 -17.85
N TYR A 175 -47.52 -21.11 -18.30
CA TYR A 175 -47.38 -19.82 -17.65
C TYR A 175 -48.55 -18.89 -17.93
N ASP A 176 -49.31 -19.14 -18.99
CA ASP A 176 -50.52 -18.35 -19.24
C ASP A 176 -51.63 -18.69 -18.26
N GLN A 177 -51.64 -19.92 -17.74
CA GLN A 177 -52.69 -20.39 -16.85
C GLN A 177 -52.30 -20.34 -15.38
N HIS A 178 -51.11 -19.83 -15.06
CA HIS A 178 -50.65 -19.72 -13.68
C HIS A 178 -50.29 -18.27 -13.38
N ASP A 179 -50.64 -17.82 -12.17
CA ASP A 179 -50.13 -16.55 -11.69
C ASP A 179 -48.68 -16.71 -11.24
N VAL A 180 -47.94 -15.60 -11.26
CA VAL A 180 -46.55 -15.63 -10.83
C VAL A 180 -46.44 -16.04 -9.36
N GLN A 181 -47.44 -15.70 -8.56
CA GLN A 181 -47.42 -16.08 -7.15
C GLN A 181 -47.46 -17.59 -6.98
N GLU A 182 -48.12 -18.30 -7.89
CA GLU A 182 -48.13 -19.76 -7.84
C GLU A 182 -46.74 -20.32 -8.12
N LEU A 183 -46.01 -19.71 -9.06
CA LEU A 183 -44.66 -20.18 -9.36
C LEU A 183 -43.71 -19.89 -8.21
N CYS A 184 -43.85 -18.72 -7.58
CA CYS A 184 -43.04 -18.42 -6.40
C CYS A 184 -43.30 -19.42 -5.28
N ARG A 185 -44.56 -19.82 -5.10
CA ARG A 185 -44.88 -20.80 -4.06
C ARG A 185 -44.33 -22.18 -4.40
N LEU A 186 -44.37 -22.56 -5.68
CA LEU A 186 -43.85 -23.86 -6.07
C LEU A 186 -42.34 -23.93 -5.85
N MET A 187 -41.62 -22.86 -6.18
CA MET A 187 -40.18 -22.85 -5.97
C MET A 187 -39.83 -22.83 -4.48
N PHE A 188 -40.57 -22.03 -3.70
CA PHE A 188 -40.29 -21.94 -2.27
C PHE A 188 -40.65 -23.23 -1.54
N ASP A 189 -41.70 -23.93 -1.98
CA ASP A 189 -42.06 -25.19 -1.37
C ASP A 189 -40.98 -26.24 -1.60
N ALA A 190 -40.44 -26.29 -2.82
CA ALA A 190 -39.39 -27.25 -3.13
C ALA A 190 -38.11 -26.95 -2.35
N LEU A 191 -37.76 -25.67 -2.25
CA LEU A 191 -36.56 -25.28 -1.51
C LEU A 191 -36.71 -25.58 -0.02
N GLU A 192 -37.88 -25.28 0.55
CA GLU A 192 -38.13 -25.61 1.95
C GLU A 192 -38.10 -27.11 2.17
N HIS A 193 -38.64 -27.88 1.23
CA HIS A 193 -38.68 -29.33 1.40
C HIS A 193 -37.29 -29.94 1.34
N LYS A 194 -36.38 -29.36 0.55
CA LYS A 194 -35.02 -29.86 0.50
C LYS A 194 -34.20 -29.35 1.67
N TRP A 195 -34.43 -28.10 2.09
CA TRP A 195 -33.67 -27.50 3.18
C TRP A 195 -34.11 -27.97 4.56
N LYS A 196 -35.09 -28.87 4.64
CA LYS A 196 -35.58 -29.35 5.92
C LYS A 196 -34.47 -30.06 6.68
N GLY A 197 -34.18 -29.57 7.88
CA GLY A 197 -33.14 -30.15 8.72
C GLY A 197 -31.77 -29.54 8.55
N THR A 198 -31.59 -28.63 7.60
CA THR A 198 -30.31 -27.96 7.39
C THR A 198 -30.31 -26.62 8.13
N GLU A 199 -29.34 -25.77 7.81
CA GLU A 199 -29.30 -24.41 8.33
C GLU A 199 -30.06 -23.43 7.46
N HIS A 200 -30.86 -23.93 6.51
CA HIS A 200 -31.71 -23.11 5.66
C HIS A 200 -33.18 -23.52 5.75
N GLU A 201 -33.54 -24.31 6.76
CA GLU A 201 -34.92 -24.78 6.85
C GLU A 201 -35.88 -23.66 7.24
N LYS A 202 -35.40 -22.65 7.94
CA LYS A 202 -36.20 -21.47 8.26
C LYS A 202 -35.82 -20.28 7.39
N LEU A 203 -34.99 -20.49 6.37
CA LEU A 203 -34.50 -19.39 5.55
C LEU A 203 -35.63 -18.73 4.76
N ILE A 204 -36.50 -19.54 4.15
CA ILE A 204 -37.55 -18.99 3.31
C ILE A 204 -38.52 -18.13 4.12
N GLN A 205 -38.93 -18.63 5.29
CA GLN A 205 -39.86 -17.87 6.12
C GLN A 205 -39.18 -16.75 6.89
N ASP A 206 -37.87 -16.84 7.13
CA ASP A 206 -37.17 -15.72 7.76
C ASP A 206 -37.03 -14.55 6.80
N LEU A 207 -37.03 -14.80 5.50
CA LEU A 207 -36.81 -13.76 4.51
C LEU A 207 -38.12 -13.17 3.98
N TYR A 208 -39.08 -14.04 3.62
CA TYR A 208 -40.23 -13.64 2.83
C TYR A 208 -41.54 -13.60 3.60
N ARG A 209 -41.58 -14.03 4.86
CA ARG A 209 -42.83 -14.19 5.58
C ARG A 209 -43.04 -13.01 6.53
N GLY A 210 -44.18 -12.35 6.39
CA GLY A 210 -44.62 -11.35 7.35
C GLY A 210 -45.81 -11.86 8.12
N THR A 211 -46.12 -11.24 9.26
CA THR A 211 -47.24 -11.65 10.09
C THR A 211 -48.21 -10.50 10.25
N MET A 212 -49.50 -10.80 10.08
CA MET A 212 -50.58 -9.87 10.34
C MET A 212 -51.63 -10.58 11.19
N GLU A 213 -52.71 -9.86 11.49
CA GLU A 213 -53.83 -10.46 12.21
C GLU A 213 -55.11 -9.81 11.73
N ASP A 214 -56.11 -10.62 11.42
CA ASP A 214 -57.43 -10.14 11.05
C ASP A 214 -58.37 -10.28 12.24
N PHE A 215 -59.12 -9.23 12.51
CA PHE A 215 -59.88 -9.09 13.75
C PHE A 215 -61.32 -8.76 13.45
N VAL A 216 -62.16 -8.98 14.45
CA VAL A 216 -63.53 -8.46 14.48
C VAL A 216 -63.71 -7.81 15.85
N ALA A 217 -63.86 -6.49 15.87
CA ALA A 217 -63.97 -5.72 17.10
C ALA A 217 -65.39 -5.20 17.22
N CYS A 218 -66.13 -5.69 18.21
CA CYS A 218 -67.47 -5.18 18.47
C CYS A 218 -67.39 -3.75 18.96
N LEU A 219 -68.18 -2.86 18.34
CA LEU A 219 -68.17 -1.46 18.71
C LEU A 219 -68.96 -1.15 19.97
N LYS A 220 -69.78 -2.08 20.45
CA LYS A 220 -70.52 -1.82 21.69
C LYS A 220 -69.68 -2.22 22.91
N CYS A 221 -69.38 -3.51 23.06
CA CYS A 221 -68.67 -4.00 24.23
C CYS A 221 -67.16 -3.83 24.13
N GLY A 222 -66.61 -3.70 22.92
CA GLY A 222 -65.19 -3.53 22.74
C GLY A 222 -64.37 -4.80 22.63
N ARG A 223 -65.00 -5.96 22.79
CA ARG A 223 -64.27 -7.22 22.72
C ARG A 223 -63.87 -7.54 21.29
N GLU A 224 -62.76 -8.24 21.14
CA GLU A 224 -62.21 -8.60 19.84
C GLU A 224 -62.10 -10.11 19.72
N SER A 225 -62.19 -10.58 18.47
CA SER A 225 -61.84 -11.95 18.10
C SER A 225 -60.78 -11.84 17.01
N VAL A 226 -59.54 -12.18 17.36
CA VAL A 226 -58.42 -12.03 16.45
C VAL A 226 -57.86 -13.41 16.12
N LYS A 227 -57.29 -13.53 14.92
CA LYS A 227 -56.53 -14.71 14.54
C LYS A 227 -55.33 -14.27 13.72
N THR A 228 -54.18 -14.87 14.00
CA THR A 228 -52.92 -14.46 13.41
C THR A 228 -52.72 -15.15 12.06
N ASP A 229 -52.40 -14.36 11.04
CA ASP A 229 -52.16 -14.85 9.70
C ASP A 229 -50.73 -14.53 9.27
N TYR A 230 -50.20 -15.37 8.38
CA TYR A 230 -48.93 -15.13 7.72
C TYR A 230 -49.18 -14.77 6.27
N PHE A 231 -48.19 -14.11 5.65
CA PHE A 231 -48.31 -13.74 4.26
C PHE A 231 -46.93 -13.64 3.62
N LEU A 232 -46.86 -14.08 2.36
CA LEU A 232 -45.66 -13.92 1.55
C LEU A 232 -45.80 -12.83 0.49
N ASP A 233 -46.99 -12.28 0.32
CA ASP A 233 -47.25 -11.21 -0.63
C ASP A 233 -48.05 -10.11 0.05
N LEU A 234 -47.97 -8.91 -0.53
CA LEU A 234 -48.83 -7.79 -0.16
C LEU A 234 -49.75 -7.52 -1.35
N PRO A 235 -50.93 -8.15 -1.40
CA PRO A 235 -51.80 -8.00 -2.58
C PRO A 235 -52.58 -6.71 -2.59
N LEU A 236 -52.05 -5.69 -3.29
CA LEU A 236 -52.66 -4.38 -3.34
C LEU A 236 -53.40 -4.19 -4.65
N ALA A 237 -54.63 -3.71 -4.58
CA ALA A 237 -55.41 -3.42 -5.77
C ALA A 237 -55.02 -2.06 -6.35
N VAL A 238 -55.22 -1.91 -7.64
CA VAL A 238 -54.99 -0.65 -8.33
C VAL A 238 -56.28 0.14 -8.47
N LYS A 239 -57.32 -0.48 -9.02
CA LYS A 239 -58.65 0.12 -9.13
C LYS A 239 -59.68 -0.89 -8.64
N PRO A 240 -60.16 -0.76 -7.41
CA PRO A 240 -61.15 -1.71 -6.91
C PRO A 240 -62.47 -1.62 -7.66
N PHE A 241 -63.30 -2.65 -7.45
CA PHE A 241 -64.63 -2.67 -8.05
C PHE A 241 -65.43 -1.46 -7.59
N GLY A 242 -66.10 -0.81 -8.55
CA GLY A 242 -66.94 0.33 -8.25
C GLY A 242 -66.21 1.61 -7.89
N ALA A 243 -64.89 1.60 -7.86
CA ALA A 243 -64.13 2.78 -7.45
C ALA A 243 -64.24 3.88 -8.49
N ILE A 244 -64.35 5.12 -8.00
CA ILE A 244 -64.37 6.28 -8.88
C ILE A 244 -62.95 6.74 -9.20
N HIS A 245 -62.03 6.63 -8.23
CA HIS A 245 -60.63 6.95 -8.44
C HIS A 245 -59.79 5.72 -8.14
N ALA A 246 -58.80 5.47 -8.99
CA ALA A 246 -57.82 4.44 -8.71
C ALA A 246 -56.75 4.99 -7.77
N TYR A 247 -56.12 4.09 -7.02
CA TYR A 247 -55.08 4.50 -6.08
C TYR A 247 -53.89 5.08 -6.84
N LYS A 248 -53.47 6.28 -6.43
CA LYS A 248 -52.39 6.97 -7.11
C LYS A 248 -51.01 6.44 -6.71
N SER A 249 -50.91 5.66 -5.65
CA SER A 249 -49.61 5.20 -5.17
C SER A 249 -49.78 3.85 -4.48
N VAL A 250 -48.65 3.16 -4.30
CA VAL A 250 -48.65 1.92 -3.53
C VAL A 250 -49.00 2.21 -2.07
N GLU A 251 -48.54 3.33 -1.54
CA GLU A 251 -48.85 3.70 -0.17
C GLU A 251 -50.35 3.87 0.04
N GLU A 252 -51.03 4.48 -0.94
CA GLU A 252 -52.46 4.70 -0.80
C GLU A 252 -53.22 3.37 -0.84
N ALA A 253 -52.77 2.43 -1.68
CA ALA A 253 -53.41 1.12 -1.73
C ALA A 253 -53.15 0.33 -0.46
N LEU A 254 -51.94 0.46 0.09
CA LEU A 254 -51.63 -0.23 1.34
C LEU A 254 -52.44 0.34 2.50
N THR A 255 -52.67 1.66 2.50
CA THR A 255 -53.51 2.26 3.54
C THR A 255 -54.94 1.72 3.46
N ALA A 256 -55.50 1.67 2.25
CA ALA A 256 -56.81 1.07 2.06
C ALA A 256 -56.80 -0.43 2.36
N PHE A 257 -55.63 -1.08 2.24
CA PHE A 257 -55.54 -2.50 2.53
C PHE A 257 -55.72 -2.79 4.02
N VAL A 258 -55.28 -1.88 4.88
CA VAL A 258 -55.46 -2.02 6.32
C VAL A 258 -56.65 -1.22 6.83
N GLN A 259 -57.51 -0.74 5.92
CA GLN A 259 -58.69 0.05 6.29
C GLN A 259 -59.74 -0.84 6.94
N PRO A 260 -60.19 -0.53 8.14
CA PRO A 260 -61.21 -1.37 8.79
C PRO A 260 -62.56 -1.25 8.10
N GLU A 261 -63.15 -2.38 7.77
CA GLU A 261 -64.51 -2.41 7.25
C GLU A 261 -65.50 -2.19 8.39
N LEU A 262 -66.51 -1.37 8.14
CA LEU A 262 -67.52 -1.05 9.14
C LEU A 262 -68.72 -1.97 8.92
N LEU A 263 -69.03 -2.80 9.91
CA LEU A 263 -70.14 -3.74 9.84
C LEU A 263 -71.32 -3.16 10.62
N ASP A 264 -72.17 -2.41 9.92
CA ASP A 264 -73.35 -1.79 10.51
C ASP A 264 -74.53 -1.96 9.55
N GLY A 265 -75.66 -1.37 9.91
CA GLY A 265 -76.86 -1.42 9.10
C GLY A 265 -77.42 -2.82 8.87
N SER A 266 -77.39 -3.24 7.61
CA SER A 266 -77.92 -4.54 7.22
C SER A 266 -76.97 -5.68 7.61
N ASN A 267 -75.65 -5.52 7.45
CA ASN A 267 -74.80 -6.64 7.85
C ASN A 267 -74.08 -6.36 9.17
N GLN A 268 -74.81 -6.25 10.28
CA GLN A 268 -74.17 -6.13 11.57
C GLN A 268 -73.45 -7.43 11.92
N TYR A 269 -72.76 -7.43 13.06
CA TYR A 269 -71.96 -8.55 13.50
C TYR A 269 -72.60 -9.19 14.73
N MET A 270 -72.78 -10.51 14.68
CA MET A 270 -73.35 -11.26 15.80
C MET A 270 -72.27 -11.37 16.88
N CYS A 271 -72.34 -10.47 17.86
CA CYS A 271 -71.37 -10.50 18.96
C CYS A 271 -71.79 -11.57 19.97
N GLU A 272 -70.82 -12.39 20.38
CA GLU A 272 -71.11 -13.42 21.37
C GLU A 272 -71.16 -12.85 22.78
N ASN A 273 -70.33 -11.85 23.07
CA ASN A 273 -70.38 -11.21 24.38
C ASN A 273 -71.65 -10.39 24.53
N CYS A 274 -72.05 -9.66 23.49
CA CYS A 274 -73.31 -8.92 23.51
C CYS A 274 -74.51 -9.81 23.23
N LYS A 275 -74.30 -11.04 22.77
CA LYS A 275 -75.37 -12.01 22.51
C LYS A 275 -76.40 -11.47 21.53
N SER A 276 -75.97 -10.57 20.64
CA SER A 276 -76.89 -9.95 19.68
C SER A 276 -76.07 -9.32 18.57
N LYS A 277 -76.76 -8.78 17.57
CA LYS A 277 -76.12 -8.12 16.45
C LYS A 277 -75.75 -6.69 16.82
N GLN A 278 -74.50 -6.33 16.59
CA GLN A 278 -73.99 -5.00 16.93
C GLN A 278 -73.09 -4.51 15.80
N ASP A 279 -72.90 -3.19 15.75
CA ASP A 279 -71.92 -2.61 14.85
C ASP A 279 -70.52 -3.05 15.27
N ALA A 280 -69.66 -3.23 14.28
CA ALA A 280 -68.33 -3.77 14.56
C ALA A 280 -67.34 -3.31 13.49
N HIS A 281 -66.06 -3.57 13.76
CA HIS A 281 -64.97 -3.30 12.83
C HIS A 281 -64.30 -4.63 12.48
N LYS A 282 -64.09 -4.85 11.18
CA LYS A 282 -63.45 -6.06 10.69
C LYS A 282 -62.41 -5.67 9.66
N GLY A 283 -61.22 -6.26 9.76
CA GLY A 283 -60.18 -5.95 8.80
C GLY A 283 -58.85 -6.53 9.24
N LEU A 284 -57.78 -6.03 8.62
CA LEU A 284 -56.44 -6.50 8.86
C LEU A 284 -55.61 -5.42 9.55
N ARG A 285 -54.57 -5.87 10.25
CA ARG A 285 -53.56 -4.96 10.78
C ARG A 285 -52.24 -5.71 10.80
N ILE A 286 -51.20 -5.07 10.29
CA ILE A 286 -49.90 -5.70 10.09
C ILE A 286 -49.09 -5.56 11.37
N THR A 287 -48.52 -6.67 11.83
CA THR A 287 -47.67 -6.68 13.02
C THR A 287 -46.19 -6.81 12.71
N GLN A 288 -45.83 -7.45 11.59
CA GLN A 288 -44.44 -7.60 11.21
C GLN A 288 -44.35 -7.74 9.70
N PHE A 289 -43.70 -6.78 9.05
CA PHE A 289 -43.46 -6.87 7.62
C PHE A 289 -42.34 -7.87 7.33
N PRO A 290 -42.38 -8.51 6.15
CA PRO A 290 -41.30 -9.44 5.79
C PRO A 290 -39.97 -8.71 5.63
N TYR A 291 -38.88 -9.45 5.82
CA TYR A 291 -37.56 -8.90 5.52
C TYR A 291 -37.41 -8.61 4.04
N LEU A 292 -37.98 -9.48 3.19
CA LEU A 292 -38.06 -9.26 1.76
C LEU A 292 -39.53 -9.03 1.42
N LEU A 293 -39.89 -7.78 1.14
CA LEU A 293 -41.28 -7.40 0.92
C LEU A 293 -41.62 -7.55 -0.55
N THR A 294 -42.63 -8.38 -0.84
CA THR A 294 -43.17 -8.53 -2.18
C THR A 294 -44.53 -7.83 -2.24
N ILE A 295 -44.72 -7.00 -3.26
CA ILE A 295 -45.95 -6.26 -3.46
C ILE A 295 -46.54 -6.65 -4.81
N GLN A 296 -47.75 -7.20 -4.81
CA GLN A 296 -48.46 -7.55 -6.02
C GLN A 296 -49.42 -6.42 -6.36
N LEU A 297 -49.24 -5.81 -7.51
CA LEU A 297 -50.16 -4.79 -8.01
C LEU A 297 -51.20 -5.48 -8.88
N LYS A 298 -52.46 -5.45 -8.45
CA LYS A 298 -53.54 -6.16 -9.12
C LYS A 298 -53.99 -5.41 -10.37
N ARG A 299 -53.07 -5.32 -11.33
CA ARG A 299 -53.45 -4.83 -12.65
C ARG A 299 -54.06 -5.94 -13.49
N PHE A 300 -53.52 -7.16 -13.37
CA PHE A 300 -54.01 -8.29 -14.15
C PHE A 300 -55.24 -8.90 -13.50
N ASP A 301 -56.35 -8.90 -14.23
CA ASP A 301 -57.55 -9.64 -13.88
C ASP A 301 -57.85 -10.63 -14.99
N PHE A 302 -58.73 -11.58 -14.72
CA PHE A 302 -59.12 -12.57 -15.71
C PHE A 302 -60.60 -12.39 -16.03
N ASP A 303 -60.90 -11.95 -17.24
CA ASP A 303 -62.27 -11.88 -17.72
C ASP A 303 -62.70 -13.28 -18.16
N TYR A 304 -63.79 -13.78 -17.56
CA TYR A 304 -64.30 -15.09 -17.93
C TYR A 304 -65.18 -15.06 -19.17
N ASN A 305 -65.52 -13.86 -19.66
CA ASN A 305 -66.38 -13.75 -20.85
C ASN A 305 -65.61 -13.66 -22.17
N THR A 306 -64.30 -13.49 -22.05
CA THR A 306 -63.37 -13.37 -23.15
C THR A 306 -63.06 -14.72 -23.77
N MET A 307 -62.43 -15.64 -23.03
CA MET A 307 -61.98 -15.51 -21.64
C MET A 307 -60.46 -15.38 -21.58
N HIS A 308 -59.97 -14.15 -21.61
CA HIS A 308 -58.55 -13.84 -21.60
C HIS A 308 -58.21 -12.94 -20.42
N ARG A 309 -56.91 -12.72 -20.23
CA ARG A 309 -56.45 -11.78 -19.21
C ARG A 309 -56.71 -10.34 -19.66
N ILE A 310 -56.99 -9.49 -18.69
CA ILE A 310 -57.13 -8.06 -18.90
C ILE A 310 -56.23 -7.34 -17.91
N LYS A 311 -55.96 -6.06 -18.20
CA LYS A 311 -55.01 -5.31 -17.38
C LYS A 311 -55.47 -3.86 -17.23
N LEU A 312 -55.41 -3.36 -15.99
CA LEU A 312 -55.64 -1.94 -15.74
C LEU A 312 -54.39 -1.15 -16.05
N ASN A 313 -54.57 0.05 -16.60
CA ASN A 313 -53.47 0.93 -16.97
C ASN A 313 -53.41 2.20 -16.13
N ASP A 314 -54.13 2.24 -15.02
CA ASP A 314 -54.13 3.42 -14.15
C ASP A 314 -52.74 3.69 -13.62
N LYS A 315 -52.39 4.97 -13.50
CA LYS A 315 -51.07 5.35 -13.01
C LYS A 315 -51.00 5.19 -11.51
N MET A 316 -49.98 4.46 -11.04
CA MET A 316 -49.74 4.25 -9.62
C MET A 316 -48.24 4.38 -9.36
N THR A 317 -47.87 5.25 -8.44
CA THR A 317 -46.47 5.50 -8.14
C THR A 317 -45.99 4.60 -7.00
N PHE A 318 -44.66 4.45 -6.92
CA PHE A 318 -44.02 3.72 -5.83
C PHE A 318 -42.59 4.22 -5.70
N PRO A 319 -42.08 4.37 -4.49
CA PRO A 319 -40.74 4.96 -4.33
C PRO A 319 -39.63 3.93 -4.21
N ASP A 320 -38.38 4.40 -4.17
CA ASP A 320 -37.27 3.53 -3.85
C ASP A 320 -37.14 3.33 -2.35
N VAL A 321 -37.42 4.37 -1.57
CA VAL A 321 -37.43 4.31 -0.11
C VAL A 321 -38.87 4.32 0.34
N LEU A 322 -39.36 3.18 0.81
CA LEU A 322 -40.74 3.03 1.26
C LEU A 322 -40.76 3.05 2.78
N ASP A 323 -41.53 3.98 3.35
CA ASP A 323 -41.63 4.15 4.79
C ASP A 323 -42.94 3.54 5.27
N LEU A 324 -42.85 2.40 5.95
CA LEU A 324 -44.01 1.64 6.40
C LEU A 324 -44.16 1.65 7.92
N ASN A 325 -43.65 2.69 8.58
CA ASN A 325 -43.76 2.78 10.04
C ASN A 325 -45.20 2.90 10.48
N ASP A 326 -46.01 3.67 9.74
CA ASP A 326 -47.38 3.92 10.16
C ASP A 326 -48.27 2.68 10.08
N TYR A 327 -47.83 1.64 9.39
CA TYR A 327 -48.64 0.44 9.19
C TYR A 327 -48.40 -0.64 10.24
N VAL A 328 -47.44 -0.44 11.13
CA VAL A 328 -47.17 -1.42 12.18
C VAL A 328 -47.95 -1.06 13.44
N CYS A 382 -42.49 13.24 -6.35
CA CYS A 382 -42.39 11.81 -6.14
C CYS A 382 -41.47 11.16 -7.17
N VAL A 383 -40.17 11.14 -6.86
CA VAL A 383 -39.14 10.60 -7.75
C VAL A 383 -38.16 9.83 -6.88
N GLY A 384 -38.22 8.50 -6.95
CA GLY A 384 -37.31 7.66 -6.19
C GLY A 384 -36.37 6.86 -7.07
N GLN A 385 -36.61 6.90 -8.38
CA GLN A 385 -35.77 6.16 -9.31
C GLN A 385 -34.28 6.49 -9.20
N PRO A 386 -33.85 7.76 -8.98
CA PRO A 386 -32.41 8.01 -8.86
C PRO A 386 -31.75 7.39 -7.63
N ILE A 387 -30.51 7.78 -7.38
CA ILE A 387 -29.68 7.13 -6.37
C ILE A 387 -30.19 7.50 -4.98
N ASP A 388 -30.11 6.52 -4.06
CA ASP A 388 -30.66 6.65 -2.73
C ASP A 388 -29.87 7.65 -1.89
N HIS A 389 -30.60 8.35 -1.03
CA HIS A 389 -29.98 9.10 0.07
C HIS A 389 -29.48 8.12 1.11
N ALA A 390 -28.18 8.20 1.45
CA ALA A 390 -27.71 7.54 2.65
C ALA A 390 -28.15 8.28 3.90
N ALA A 391 -28.48 9.57 3.78
CA ALA A 391 -28.81 10.41 4.93
C ALA A 391 -30.31 10.42 5.22
N VAL A 392 -31.13 10.63 4.19
CA VAL A 392 -32.59 10.68 4.41
C VAL A 392 -33.08 9.36 4.97
N ASP A 393 -32.50 8.25 4.52
CA ASP A 393 -32.83 6.95 5.11
C ASP A 393 -32.53 6.93 6.60
N ASP A 394 -31.43 7.54 7.02
CA ASP A 394 -31.13 7.66 8.44
C ASP A 394 -32.13 8.56 9.14
N ILE A 395 -32.63 9.60 8.44
CA ILE A 395 -33.66 10.45 9.03
C ILE A 395 -34.93 9.65 9.25
N VAL A 396 -35.33 8.85 8.26
CA VAL A 396 -36.50 7.99 8.40
C VAL A 396 -36.25 6.93 9.47
N LYS A 397 -35.02 6.45 9.59
CA LYS A 397 -34.71 5.50 10.66
C LYS A 397 -34.87 6.15 12.03
N THR A 398 -34.52 7.44 12.14
CA THR A 398 -34.77 8.16 13.39
C THR A 398 -36.25 8.41 13.61
N SER A 399 -37.08 8.22 12.59
CA SER A 399 -38.53 8.36 12.69
C SER A 399 -39.25 7.04 12.44
N GLY A 400 -38.64 5.93 12.86
CA GLY A 400 -39.23 4.61 12.69
C GLY A 400 -38.23 3.64 12.09
N ASP A 401 -38.44 2.36 12.35
CA ASP A 401 -37.47 1.33 12.00
C ASP A 401 -37.79 0.58 10.72
N ASN A 402 -39.04 0.57 10.27
CA ASN A 402 -39.45 -0.19 9.09
C ASN A 402 -39.26 0.67 7.84
N VAL A 403 -38.06 0.63 7.27
CA VAL A 403 -37.74 1.31 6.02
C VAL A 403 -37.30 0.27 5.01
N TYR A 404 -37.80 0.39 3.78
CA TYR A 404 -37.57 -0.62 2.74
C TYR A 404 -36.99 0.02 1.49
N GLU A 405 -36.13 -0.74 0.82
CA GLU A 405 -35.39 -0.29 -0.35
C GLU A 405 -35.84 -1.08 -1.57
N LEU A 406 -36.35 -0.37 -2.58
CA LEU A 406 -36.82 -1.03 -3.80
C LEU A 406 -35.64 -1.52 -4.62
N PHE A 407 -35.73 -2.76 -5.11
CA PHE A 407 -34.68 -3.29 -5.98
C PHE A 407 -35.20 -4.10 -7.16
N SER A 408 -36.50 -4.37 -7.28
CA SER A 408 -37.03 -5.07 -8.44
C SER A 408 -38.38 -4.49 -8.83
N VAL A 409 -38.56 -4.22 -10.11
CA VAL A 409 -39.80 -3.67 -10.67
C VAL A 409 -40.14 -4.52 -11.89
N MET A 410 -40.97 -5.54 -11.70
CA MET A 410 -41.36 -6.43 -12.79
C MET A 410 -42.54 -5.82 -13.53
N VAL A 411 -42.37 -5.59 -14.84
CA VAL A 411 -43.32 -4.83 -15.63
C VAL A 411 -43.76 -5.67 -16.83
N HIS A 412 -44.81 -5.20 -17.49
CA HIS A 412 -45.38 -5.87 -18.65
C HIS A 412 -45.83 -4.81 -19.67
N SER A 413 -45.71 -5.16 -20.95
CA SER A 413 -46.09 -4.27 -22.03
C SER A 413 -47.03 -4.98 -22.99
N GLY A 414 -47.80 -4.18 -23.72
CA GLY A 414 -48.68 -4.73 -24.73
C GLY A 414 -49.97 -5.27 -24.14
N ASN A 415 -50.61 -6.11 -24.94
CA ASN A 415 -51.87 -6.73 -24.56
C ASN A 415 -51.66 -7.71 -23.42
N ALA A 416 -52.69 -7.90 -22.62
CA ALA A 416 -52.60 -8.75 -21.47
C ALA A 416 -52.79 -10.19 -21.79
N ALA A 417 -53.43 -10.43 -22.94
CA ALA A 417 -53.65 -11.77 -23.43
C ALA A 417 -52.28 -12.33 -23.71
N GLY A 418 -51.29 -11.45 -23.78
CA GLY A 418 -49.93 -11.93 -23.68
C GLY A 418 -49.00 -10.81 -23.27
N GLY A 419 -48.47 -10.13 -24.28
CA GLY A 419 -47.61 -8.99 -24.07
C GLY A 419 -46.16 -9.40 -23.88
N HIS A 420 -45.33 -8.41 -23.60
CA HIS A 420 -43.91 -8.63 -23.36
C HIS A 420 -43.55 -8.33 -21.92
N TYR A 421 -42.97 -9.32 -21.25
CA TYR A 421 -42.59 -9.20 -19.85
C TYR A 421 -41.11 -8.91 -19.72
N PHE A 422 -40.75 -8.05 -18.77
CA PHE A 422 -39.37 -7.81 -18.39
C PHE A 422 -39.37 -7.08 -17.05
N ALA A 423 -38.18 -6.72 -16.57
CA ALA A 423 -38.08 -6.16 -15.24
C ALA A 423 -36.90 -5.20 -15.15
N TYR A 424 -37.03 -4.23 -14.26
CA TYR A 424 -35.96 -3.33 -13.85
C TYR A 424 -35.48 -3.79 -12.49
N ILE A 425 -34.25 -4.28 -12.41
CA ILE A 425 -33.68 -4.79 -11.16
C ILE A 425 -32.43 -3.98 -10.83
N LYS A 426 -32.26 -3.67 -9.55
CA LYS A 426 -31.12 -2.92 -9.07
C LYS A 426 -30.16 -3.83 -8.32
N ASN A 427 -28.87 -3.71 -8.60
CA ASN A 427 -27.84 -4.37 -7.82
C ASN A 427 -27.64 -3.59 -6.53
N LEU A 428 -27.96 -4.21 -5.40
CA LEU A 428 -27.97 -3.49 -4.13
C LEU A 428 -26.57 -3.16 -3.64
N ASP A 429 -25.57 -3.97 -4.02
CA ASP A 429 -24.20 -3.71 -3.58
C ASP A 429 -23.64 -2.45 -4.22
N GLN A 430 -23.97 -2.20 -5.49
CA GLN A 430 -23.47 -1.06 -6.23
C GLN A 430 -24.53 0.01 -6.48
N ASP A 431 -25.77 -0.22 -6.04
CA ASP A 431 -26.84 0.77 -6.15
C ASP A 431 -27.02 1.22 -7.60
N ARG A 432 -27.07 0.25 -8.51
CA ARG A 432 -27.15 0.53 -9.93
C ARG A 432 -28.32 -0.21 -10.54
N TRP A 433 -29.11 0.49 -11.34
CA TRP A 433 -30.30 -0.06 -11.96
C TRP A 433 -29.99 -0.61 -13.34
N TYR A 434 -30.63 -1.74 -13.66
CA TYR A 434 -30.45 -2.39 -14.96
C TYR A 434 -31.79 -2.94 -15.43
N VAL A 435 -31.97 -2.97 -16.74
CA VAL A 435 -33.17 -3.51 -17.36
C VAL A 435 -32.87 -4.93 -17.83
N PHE A 436 -33.55 -5.90 -17.24
CA PHE A 436 -33.41 -7.31 -17.61
C PHE A 436 -34.54 -7.67 -18.57
N ASN A 437 -34.22 -7.75 -19.86
CA ASN A 437 -35.20 -8.02 -20.91
C ASN A 437 -34.65 -9.14 -21.81
N ASP A 438 -34.96 -10.38 -21.44
CA ASP A 438 -34.60 -11.57 -22.22
C ASP A 438 -33.08 -11.59 -22.38
N THR A 439 -32.56 -11.69 -23.61
CA THR A 439 -31.13 -11.83 -23.87
C THR A 439 -30.36 -10.53 -23.69
N ARG A 440 -31.00 -9.45 -23.23
CA ARG A 440 -30.40 -8.12 -23.20
C ARG A 440 -30.51 -7.54 -21.80
N VAL A 441 -29.36 -7.36 -21.15
CA VAL A 441 -29.26 -6.65 -19.88
C VAL A 441 -28.51 -5.35 -20.14
N ASP A 442 -29.19 -4.22 -19.91
CA ASP A 442 -28.63 -2.91 -20.19
C ASP A 442 -28.80 -2.01 -18.97
N PHE A 443 -28.10 -0.88 -18.99
CA PHE A 443 -28.28 0.14 -17.97
C PHE A 443 -29.69 0.72 -18.06
N ALA A 444 -30.31 0.94 -16.91
CA ALA A 444 -31.65 1.51 -16.85
C ALA A 444 -31.57 2.96 -16.38
N THR A 445 -32.34 3.84 -17.06
CA THR A 445 -32.37 5.24 -16.69
C THR A 445 -33.56 5.51 -15.78
N PRO A 446 -33.48 6.56 -14.95
CA PRO A 446 -34.62 6.89 -14.09
C PRO A 446 -35.91 7.16 -14.85
N LEU A 447 -35.83 7.71 -16.07
CA LEU A 447 -37.05 7.91 -16.85
C LEU A 447 -37.65 6.58 -17.30
N GLU A 448 -36.81 5.63 -17.69
CA GLU A 448 -37.32 4.33 -18.12
C GLU A 448 -38.09 3.64 -17.01
N ILE A 449 -37.57 3.69 -15.78
CA ILE A 449 -38.24 3.04 -14.66
C ILE A 449 -39.47 3.84 -14.23
N GLU A 450 -39.37 5.17 -14.26
CA GLU A 450 -40.49 6.00 -13.84
C GLU A 450 -41.70 5.84 -14.75
N LYS A 451 -41.48 5.50 -16.02
CA LYS A 451 -42.60 5.28 -16.93
C LYS A 451 -43.44 4.08 -16.50
N SER A 452 -42.85 3.14 -15.76
CA SER A 452 -43.59 1.96 -15.32
C SER A 452 -44.66 2.29 -14.29
N PHE A 453 -44.81 3.56 -13.90
CA PHE A 453 -45.92 3.96 -13.06
C PHE A 453 -47.25 3.79 -13.78
N GLY A 454 -47.25 3.75 -15.09
CA GLY A 454 -48.47 3.55 -15.85
C GLY A 454 -49.09 4.85 -16.32
N GLY A 455 -50.38 4.78 -16.59
CA GLY A 455 -51.12 5.89 -17.17
C GLY A 455 -51.90 5.46 -18.38
N HIS A 456 -53.12 5.96 -18.52
CA HIS A 456 -53.98 5.52 -19.61
C HIS A 456 -53.53 6.11 -20.93
N PRO A 457 -53.18 5.28 -21.92
CA PRO A 457 -52.78 5.80 -23.23
C PRO A 457 -53.98 6.32 -24.02
N SER A 458 -53.79 6.54 -25.33
CA SER A 458 -54.85 7.14 -26.14
C SER A 458 -56.04 6.21 -26.28
N GLY A 459 -55.81 4.91 -26.28
CA GLY A 459 -56.91 3.96 -26.40
C GLY A 459 -56.45 2.53 -26.36
N TRP A 460 -56.99 1.69 -27.23
CA TRP A 460 -56.54 0.31 -27.38
C TRP A 460 -55.53 0.18 -28.52
N ASN A 461 -54.51 1.03 -28.49
CA ASN A 461 -53.50 1.04 -29.54
C ASN A 461 -52.67 -0.24 -29.56
N GLN A 462 -52.07 -0.63 -28.44
CA GLN A 462 -52.05 0.11 -27.17
C GLN A 462 -50.76 -0.17 -26.38
N SER A 463 -49.65 0.26 -26.98
CA SER A 463 -48.32 0.09 -26.42
C SER A 463 -48.18 0.89 -25.14
N ASN A 464 -48.06 0.16 -24.03
CA ASN A 464 -47.92 0.76 -22.71
C ASN A 464 -47.32 -0.23 -21.71
N THR A 465 -46.33 0.24 -20.96
CA THR A 465 -45.63 -0.60 -19.99
C THR A 465 -45.92 -0.13 -18.57
N ASN A 466 -46.37 -1.06 -17.72
CA ASN A 466 -46.61 -0.76 -16.32
C ASN A 466 -46.19 -1.94 -15.46
N ALA A 467 -45.96 -1.67 -14.18
CA ALA A 467 -45.42 -2.65 -13.25
C ALA A 467 -46.54 -3.41 -12.55
N TYR A 468 -46.38 -4.73 -12.44
CA TYR A 468 -47.32 -5.57 -11.72
C TYR A 468 -46.78 -6.14 -10.42
N MET A 469 -45.46 -6.14 -10.23
CA MET A 469 -44.86 -6.65 -9.00
C MET A 469 -43.67 -5.78 -8.61
N LEU A 470 -43.49 -5.64 -7.30
CA LEU A 470 -42.37 -4.91 -6.73
C LEU A 470 -41.70 -5.76 -5.65
N MET A 471 -40.38 -5.66 -5.56
CA MET A 471 -39.62 -6.35 -4.53
C MET A 471 -38.78 -5.33 -3.76
N TYR A 472 -39.01 -5.25 -2.46
CA TYR A 472 -38.25 -4.40 -1.57
C TYR A 472 -37.43 -5.25 -0.62
N ARG A 473 -36.33 -4.68 -0.12
CA ARG A 473 -35.56 -5.29 0.95
C ARG A 473 -35.46 -4.31 2.11
N ARG A 474 -35.74 -4.81 3.31
CA ARG A 474 -35.61 -3.99 4.51
C ARG A 474 -34.18 -3.49 4.67
N ILE A 475 -34.05 -2.24 5.12
CA ILE A 475 -32.74 -1.60 5.26
C ILE A 475 -32.26 -1.86 6.67
N ASP A 476 -31.38 -2.84 6.83
CA ASP A 476 -30.78 -3.18 8.12
C ASP A 476 -29.28 -3.37 7.89
N PRO A 477 -28.46 -2.36 8.23
CA PRO A 477 -27.02 -2.48 7.97
C PRO A 477 -26.37 -3.66 8.70
N LYS A 478 -27.09 -4.36 9.55
CA LYS A 478 -26.61 -5.55 10.23
C LYS A 478 -27.07 -6.84 9.58
N ARG A 479 -28.33 -6.89 9.13
CA ARG A 479 -28.84 -8.07 8.45
C ARG A 479 -28.55 -8.06 6.96
N ASN A 480 -28.54 -6.87 6.34
CA ASN A 480 -28.39 -6.78 4.89
C ASN A 480 -27.08 -7.41 4.44
N ALA A 481 -27.19 -8.44 3.61
CA ALA A 481 -26.04 -9.15 3.09
C ALA A 481 -25.71 -8.68 1.68
N ARG A 482 -24.45 -8.84 1.32
CA ARG A 482 -23.97 -8.53 -0.03
C ARG A 482 -23.76 -9.84 -0.80
N PHE A 483 -23.78 -9.72 -2.12
CA PHE A 483 -23.45 -10.86 -2.98
C PHE A 483 -22.04 -11.32 -2.67
N ILE A 484 -21.90 -12.58 -2.26
CA ILE A 484 -20.57 -13.13 -2.09
C ILE A 484 -19.91 -13.24 -3.46
N LEU A 485 -18.62 -12.91 -3.51
CA LEU A 485 -17.94 -12.78 -4.79
C LEU A 485 -17.73 -14.15 -5.42
N SER A 486 -17.63 -14.16 -6.76
CA SER A 486 -17.51 -15.40 -7.49
C SER A 486 -16.21 -16.13 -7.17
N ASN A 487 -15.19 -15.40 -6.74
CA ASN A 487 -13.92 -16.01 -6.36
C ASN A 487 -13.98 -16.69 -5.00
N GLN A 488 -15.12 -16.65 -4.32
CA GLN A 488 -15.33 -17.38 -3.08
C GLN A 488 -15.99 -18.74 -3.29
N LEU A 489 -16.39 -19.06 -4.51
CA LEU A 489 -17.04 -20.34 -4.77
C LEU A 489 -16.04 -21.48 -4.61
N PRO A 490 -16.45 -22.61 -4.06
CA PRO A 490 -15.51 -23.71 -3.83
C PRO A 490 -15.20 -24.52 -5.09
N GLN A 491 -16.22 -24.78 -5.90
CA GLN A 491 -16.06 -25.63 -7.07
C GLN A 491 -17.01 -25.14 -8.17
N HIS A 492 -16.98 -25.84 -9.29
CA HIS A 492 -17.81 -25.48 -10.45
C HIS A 492 -18.43 -26.72 -11.08
N TYR B 76 53.36 27.64 25.58
CA TYR B 76 54.25 28.48 24.78
C TYR B 76 54.66 27.77 23.50
N ALA B 77 54.58 26.45 23.51
CA ALA B 77 54.90 25.66 22.33
C ALA B 77 53.86 25.90 21.24
N ILE B 78 54.29 25.76 19.99
CA ILE B 78 53.42 25.98 18.84
C ILE B 78 53.59 24.84 17.85
N PRO B 79 52.50 24.34 17.26
CA PRO B 79 52.63 23.31 16.22
C PRO B 79 53.20 23.93 14.94
N VAL B 80 54.30 23.34 14.44
CA VAL B 80 54.99 23.85 13.27
C VAL B 80 55.42 22.68 12.38
N ASP B 81 55.66 23.00 11.11
CA ASP B 81 55.99 22.01 10.09
C ASP B 81 57.32 21.32 10.40
N GLU B 82 57.63 20.31 9.58
CA GLU B 82 58.99 19.76 9.56
C GLU B 82 59.97 20.75 8.96
N ASN B 83 59.47 21.75 8.24
CA ASN B 83 60.31 22.80 7.70
C ASN B 83 60.49 23.95 8.69
N GLY B 84 59.77 23.89 9.81
CA GLY B 84 59.86 24.92 10.83
C GLY B 84 58.84 26.01 10.65
N HIS B 85 57.78 25.72 9.89
CA HIS B 85 56.72 26.69 9.64
C HIS B 85 55.46 26.31 10.41
N ARG B 86 54.73 27.31 10.89
CA ARG B 86 53.52 27.06 11.65
C ARG B 86 52.45 26.40 10.80
N TYR B 87 51.75 25.42 11.35
CA TYR B 87 50.65 24.80 10.62
C TYR B 87 49.55 25.80 10.44
N VAL B 88 49.06 25.93 9.23
CA VAL B 88 47.90 26.78 9.06
C VAL B 88 46.69 25.98 8.72
N GLY B 89 45.53 26.52 9.09
CA GLY B 89 44.29 25.83 8.85
C GLY B 89 43.52 26.38 7.68
N LEU B 90 42.25 26.04 7.65
CA LEU B 90 41.32 26.46 6.61
C LEU B 90 40.22 27.30 7.23
N VAL B 91 39.42 27.97 6.38
CA VAL B 91 38.38 28.85 6.89
C VAL B 91 37.32 28.06 7.64
N ASN B 92 36.39 28.78 8.27
CA ASN B 92 35.29 28.15 8.97
C ASN B 92 34.43 27.34 8.00
N GLN B 93 33.85 26.26 8.52
CA GLN B 93 33.08 25.35 7.67
C GLN B 93 31.70 25.95 7.37
N ALA B 94 31.70 26.96 6.51
CA ALA B 94 30.44 27.56 6.06
C ALA B 94 29.68 26.57 5.18
N MET B 95 29.07 25.56 5.80
CA MET B 95 28.37 24.47 5.13
C MET B 95 29.29 23.68 4.20
N THR B 96 30.60 23.67 4.48
CA THR B 96 31.53 22.89 3.70
C THR B 96 31.70 21.46 4.20
N CYS B 97 31.23 21.19 5.41
CA CYS B 97 31.24 19.83 5.95
C CYS B 97 32.64 19.24 6.07
N TYR B 98 32.87 18.14 5.37
CA TYR B 98 34.11 17.38 5.49
C TYR B 98 35.25 17.90 4.61
N LEU B 99 35.02 18.98 3.84
CA LEU B 99 36.02 19.43 2.88
C LEU B 99 37.35 19.73 3.56
N ASN B 100 37.32 20.52 4.62
CA ASN B 100 38.55 20.83 5.34
C ASN B 100 39.20 19.58 5.89
N SER B 101 38.39 18.68 6.47
CA SER B 101 38.92 17.45 7.02
C SER B 101 39.59 16.60 5.94
N LEU B 102 39.04 16.60 4.73
CA LEU B 102 39.63 15.84 3.64
C LEU B 102 40.88 16.51 3.09
N VAL B 103 40.85 17.84 2.94
CA VAL B 103 41.99 18.56 2.37
C VAL B 103 43.21 18.38 3.25
N GLN B 104 43.04 18.56 4.57
CA GLN B 104 44.16 18.40 5.49
C GLN B 104 44.68 16.97 5.49
N SER B 105 43.77 15.98 5.45
CA SER B 105 44.19 14.59 5.39
C SER B 105 44.97 14.30 4.12
N LEU B 106 44.57 14.93 3.00
CA LEU B 106 45.34 14.82 1.78
C LEU B 106 46.57 15.71 1.81
N TYR B 107 46.51 16.82 2.54
CA TYR B 107 47.67 17.70 2.67
C TYR B 107 48.76 17.07 3.51
N MET B 108 48.39 16.20 4.46
CA MET B 108 49.34 15.54 5.34
C MET B 108 49.74 14.16 4.82
N THR B 109 49.46 13.86 3.56
CA THR B 109 49.87 12.60 2.96
C THR B 109 51.16 12.79 2.20
N PRO B 110 52.23 12.05 2.52
CA PRO B 110 53.54 12.33 1.93
C PRO B 110 53.58 12.12 0.42
N GLU B 111 53.19 10.94 -0.05
CA GLU B 111 53.26 10.65 -1.48
C GLU B 111 52.35 11.57 -2.29
N PHE B 112 51.22 11.99 -1.70
CA PHE B 112 50.27 12.83 -2.43
C PHE B 112 50.83 14.23 -2.63
N ARG B 113 51.37 14.84 -1.57
CA ARG B 113 51.94 16.17 -1.70
C ARG B 113 53.25 16.16 -2.48
N ASN B 114 54.01 15.07 -2.39
CA ASN B 114 55.26 14.98 -3.15
C ASN B 114 54.98 14.88 -4.65
N ALA B 115 53.95 14.12 -5.03
CA ALA B 115 53.58 14.00 -6.43
C ALA B 115 52.84 15.24 -6.96
N MET B 116 52.38 16.12 -6.07
CA MET B 116 51.66 17.32 -6.46
C MET B 116 52.59 18.43 -6.94
N TYR B 117 53.91 18.21 -6.91
CA TYR B 117 54.88 19.20 -7.36
C TYR B 117 55.35 18.97 -8.79
N ASP B 118 55.59 17.72 -9.17
CA ASP B 118 56.13 17.41 -10.50
C ASP B 118 55.10 16.65 -11.34
N LYS B 133 44.64 29.34 -24.39
CA LYS B 133 43.71 29.19 -23.28
C LYS B 133 44.41 28.64 -22.04
N LYS B 134 43.97 29.08 -20.86
CA LYS B 134 44.57 28.68 -19.59
C LYS B 134 43.56 27.82 -18.82
N ALA B 135 43.94 26.58 -18.56
CA ALA B 135 43.08 25.66 -17.81
C ALA B 135 43.38 25.73 -16.31
N GLU B 136 43.49 26.95 -15.79
CA GLU B 136 43.73 27.12 -14.35
C GLU B 136 42.51 26.73 -13.52
N GLN B 137 41.32 26.71 -14.12
CA GLN B 137 40.12 26.26 -13.41
C GLN B 137 40.16 24.77 -13.11
N SER B 138 41.12 24.03 -13.67
CA SER B 138 41.26 22.62 -13.34
C SER B 138 41.56 22.46 -11.85
N ILE B 139 40.82 21.55 -11.22
CA ILE B 139 40.96 21.26 -9.78
C ILE B 139 42.39 20.90 -9.42
N PRO B 140 43.16 20.20 -10.26
CA PRO B 140 44.59 20.02 -9.96
C PRO B 140 45.34 21.32 -9.68
N CYS B 141 45.08 22.38 -10.45
CA CYS B 141 45.78 23.64 -10.22
C CYS B 141 45.35 24.30 -8.92
N GLN B 142 44.05 24.29 -8.63
CA GLN B 142 43.58 24.85 -7.37
C GLN B 142 44.08 24.03 -6.18
N LEU B 143 44.18 22.70 -6.37
CA LEU B 143 44.70 21.85 -5.30
C LEU B 143 46.18 22.13 -5.05
N GLN B 144 46.95 22.33 -6.11
CA GLN B 144 48.37 22.63 -5.95
C GLN B 144 48.58 24.02 -5.35
N LYS B 145 47.72 24.98 -5.72
CA LYS B 145 47.82 26.31 -5.14
C LYS B 145 47.54 26.29 -3.65
N LEU B 146 46.48 25.58 -3.24
CA LEU B 146 46.14 25.51 -1.82
C LEU B 146 47.18 24.72 -1.03
N PHE B 147 47.80 23.72 -1.65
CA PHE B 147 48.85 22.97 -0.98
C PHE B 147 50.09 23.83 -0.78
N LEU B 148 50.53 24.54 -1.82
CA LEU B 148 51.69 25.41 -1.71
C LEU B 148 51.46 26.50 -0.68
N LEU B 149 50.23 27.04 -0.62
CA LEU B 149 49.92 28.05 0.37
C LEU B 149 49.89 27.46 1.78
N LEU B 150 49.29 26.29 1.94
CA LEU B 150 49.25 25.66 3.26
C LEU B 150 50.64 25.33 3.78
N GLN B 151 51.61 25.14 2.87
CA GLN B 151 52.97 24.82 3.28
C GLN B 151 53.85 26.04 3.46
N THR B 152 53.56 27.13 2.75
CA THR B 152 54.43 28.30 2.75
C THR B 152 53.83 29.52 3.43
N SER B 153 52.51 29.70 3.40
CA SER B 153 51.91 30.87 4.00
C SER B 153 52.09 30.84 5.52
N GLU B 154 52.26 32.02 6.11
CA GLU B 154 52.43 32.14 7.55
C GLU B 154 51.14 32.58 8.24
N ASN B 155 50.05 32.63 7.49
CA ASN B 155 48.76 33.03 8.04
C ASN B 155 48.16 31.94 8.93
N ASP B 156 47.01 32.23 9.52
CA ASP B 156 46.34 31.29 10.40
C ASP B 156 45.24 30.50 9.74
N SER B 157 44.65 31.00 8.64
CA SER B 157 43.57 30.31 7.97
C SER B 157 43.61 30.63 6.48
N LEU B 158 43.21 29.66 5.67
CA LEU B 158 43.13 29.79 4.22
C LEU B 158 41.71 29.56 3.73
N GLU B 159 41.41 30.11 2.56
CA GLU B 159 40.09 30.02 1.95
C GLU B 159 40.00 28.78 1.06
N THR B 160 38.91 28.02 1.22
CA THR B 160 38.52 27.00 0.27
C THR B 160 37.55 27.53 -0.78
N LYS B 161 37.46 28.85 -0.91
CA LYS B 161 36.48 29.45 -1.83
C LYS B 161 36.79 29.08 -3.28
N ASP B 162 38.05 29.22 -3.69
CA ASP B 162 38.41 28.87 -5.07
C ASP B 162 38.39 27.37 -5.29
N LEU B 163 38.62 26.59 -4.24
CA LEU B 163 38.59 25.13 -4.39
C LEU B 163 37.16 24.63 -4.58
N THR B 164 36.23 25.09 -3.73
CA THR B 164 34.83 24.73 -3.93
C THR B 164 34.25 25.36 -5.18
N GLN B 165 34.90 26.40 -5.71
CA GLN B 165 34.51 26.94 -7.01
C GLN B 165 35.02 26.05 -8.15
N SER B 166 36.22 25.48 -7.98
CA SER B 166 36.74 24.56 -8.99
C SER B 166 35.95 23.25 -9.02
N PHE B 167 35.36 22.87 -7.89
CA PHE B 167 34.52 21.68 -7.86
C PHE B 167 33.25 21.87 -8.70
N GLY B 168 32.76 23.09 -8.79
CA GLY B 168 31.51 23.36 -9.47
C GLY B 168 30.27 23.21 -8.61
N TRP B 169 30.42 23.12 -7.29
CA TRP B 169 29.30 22.92 -6.38
C TRP B 169 28.86 24.28 -5.86
N THR B 170 28.02 24.95 -6.67
CA THR B 170 27.58 26.30 -6.34
C THR B 170 26.60 26.31 -5.17
N SER B 171 25.81 25.25 -5.03
CA SER B 171 24.80 25.20 -3.99
C SER B 171 25.42 25.31 -2.60
N ASN B 172 24.74 26.03 -1.71
CA ASN B 172 25.21 26.15 -0.33
C ASN B 172 25.11 24.80 0.39
N GLU B 173 24.06 24.04 0.10
CA GLU B 173 23.86 22.71 0.69
C GLU B 173 24.51 21.61 -0.14
N ALA B 174 25.59 21.92 -0.88
CA ALA B 174 26.17 20.95 -1.79
C ALA B 174 26.85 19.82 -1.04
N TYR B 175 27.50 20.13 0.09
CA TYR B 175 28.24 19.11 0.83
C TYR B 175 27.34 18.29 1.76
N ASP B 176 26.20 18.85 2.19
CA ASP B 176 25.23 18.07 2.94
C ASP B 176 24.46 17.08 2.06
N GLN B 177 24.51 17.25 0.74
CA GLN B 177 23.82 16.36 -0.18
C GLN B 177 24.77 15.41 -0.91
N HIS B 178 26.06 15.40 -0.56
CA HIS B 178 27.03 14.55 -1.21
C HIS B 178 27.78 13.72 -0.19
N ASP B 179 28.31 12.59 -0.65
CA ASP B 179 29.19 11.76 0.16
C ASP B 179 30.64 12.18 -0.05
N VAL B 180 31.46 12.03 0.99
CA VAL B 180 32.86 12.41 0.90
C VAL B 180 33.61 11.51 -0.09
N GLN B 181 33.20 10.24 -0.20
CA GLN B 181 33.83 9.35 -1.16
C GLN B 181 33.62 9.82 -2.59
N GLU B 182 32.50 10.50 -2.86
CA GLU B 182 32.28 11.06 -4.19
C GLU B 182 33.25 12.19 -4.49
N LEU B 183 33.50 13.05 -3.49
CA LEU B 183 34.48 14.12 -3.67
C LEU B 183 35.88 13.56 -3.86
N CYS B 184 36.19 12.44 -3.19
CA CYS B 184 37.51 11.82 -3.34
C CYS B 184 37.71 11.31 -4.76
N ARG B 185 36.73 10.56 -5.28
CA ARG B 185 36.85 10.05 -6.64
C ARG B 185 36.79 11.17 -7.67
N LEU B 186 36.05 12.25 -7.37
CA LEU B 186 36.00 13.39 -8.28
C LEU B 186 37.39 14.01 -8.45
N MET B 187 38.06 14.29 -7.33
CA MET B 187 39.40 14.87 -7.41
C MET B 187 40.42 13.88 -7.95
N PHE B 188 40.29 12.60 -7.57
CA PHE B 188 41.22 11.59 -8.06
C PHE B 188 41.13 11.42 -9.57
N ASP B 189 39.90 11.43 -10.11
CA ASP B 189 39.73 11.31 -11.55
C ASP B 189 40.28 12.53 -12.28
N ALA B 190 40.12 13.72 -11.69
CA ALA B 190 40.66 14.93 -12.30
C ALA B 190 42.17 14.90 -12.33
N LEU B 191 42.80 14.47 -11.22
CA LEU B 191 44.25 14.37 -11.19
C LEU B 191 44.75 13.30 -12.15
N GLU B 192 44.09 12.15 -12.19
CA GLU B 192 44.49 11.09 -13.12
C GLU B 192 44.38 11.53 -14.56
N HIS B 193 43.39 12.38 -14.88
CA HIS B 193 43.21 12.81 -16.26
C HIS B 193 44.29 13.79 -16.68
N LYS B 194 44.64 14.75 -15.81
CA LYS B 194 45.68 15.70 -16.16
C LYS B 194 47.07 15.06 -16.09
N TRP B 195 47.27 14.10 -15.20
CA TRP B 195 48.53 13.37 -15.11
C TRP B 195 48.67 12.31 -16.19
N LYS B 196 47.68 12.16 -17.07
CA LYS B 196 47.74 11.14 -18.12
C LYS B 196 48.89 11.45 -19.07
N GLY B 197 49.77 10.46 -19.27
CA GLY B 197 50.94 10.59 -20.10
C GLY B 197 52.21 10.91 -19.33
N THR B 198 52.09 11.53 -18.16
CA THR B 198 53.25 11.86 -17.35
C THR B 198 53.72 10.64 -16.56
N GLU B 199 54.57 10.85 -15.56
CA GLU B 199 55.02 9.77 -14.70
C GLU B 199 54.10 9.54 -13.51
N HIS B 200 53.01 10.29 -13.41
CA HIS B 200 52.03 10.15 -12.33
C HIS B 200 50.67 9.68 -12.84
N GLU B 201 50.61 9.09 -14.04
CA GLU B 201 49.32 8.65 -14.57
C GLU B 201 48.85 7.38 -13.90
N LYS B 202 49.77 6.52 -13.44
CA LYS B 202 49.44 5.34 -12.67
C LYS B 202 49.57 5.58 -11.16
N LEU B 203 49.65 6.85 -10.75
CA LEU B 203 49.91 7.17 -9.35
C LEU B 203 48.69 6.88 -8.48
N ILE B 204 47.53 7.45 -8.85
CA ILE B 204 46.35 7.36 -7.99
C ILE B 204 45.93 5.91 -7.80
N GLN B 205 46.02 5.10 -8.86
CA GLN B 205 45.66 3.69 -8.74
C GLN B 205 46.68 2.91 -7.92
N ASP B 206 47.96 3.28 -8.01
CA ASP B 206 48.97 2.59 -7.21
C ASP B 206 48.88 2.94 -5.73
N LEU B 207 48.24 4.06 -5.39
CA LEU B 207 48.13 4.49 -4.00
C LEU B 207 46.83 4.03 -3.37
N TYR B 208 45.69 4.52 -3.88
CA TYR B 208 44.43 4.42 -3.19
C TYR B 208 43.57 3.22 -3.61
N ARG B 209 43.93 2.51 -4.68
CA ARG B 209 43.06 1.48 -5.22
C ARG B 209 43.50 0.10 -4.73
N GLY B 210 42.53 -0.68 -4.26
CA GLY B 210 42.75 -2.05 -3.89
C GLY B 210 41.89 -3.00 -4.69
N THR B 211 42.24 -4.28 -4.73
CA THR B 211 41.56 -5.27 -5.56
C THR B 211 40.92 -6.33 -4.67
N MET B 212 39.61 -6.54 -4.85
CA MET B 212 38.86 -7.60 -4.21
C MET B 212 38.13 -8.39 -5.29
N GLU B 213 37.44 -9.46 -4.88
CA GLU B 213 36.70 -10.26 -5.84
C GLU B 213 35.57 -11.01 -5.13
N ASP B 214 34.40 -11.00 -5.75
CA ASP B 214 33.25 -11.78 -5.29
C ASP B 214 33.27 -13.12 -6.01
N PHE B 215 33.06 -14.20 -5.25
CA PHE B 215 33.23 -15.54 -5.81
C PHE B 215 32.11 -16.45 -5.32
N VAL B 216 31.81 -17.46 -6.15
CA VAL B 216 30.87 -18.51 -5.81
C VAL B 216 31.57 -19.85 -6.07
N ALA B 217 31.69 -20.67 -5.05
CA ALA B 217 32.35 -21.97 -5.14
C ALA B 217 31.30 -23.06 -5.04
N CYS B 218 31.11 -23.80 -6.12
CA CYS B 218 30.13 -24.88 -6.17
C CYS B 218 30.76 -26.14 -5.58
N LEU B 219 30.35 -26.51 -4.36
CA LEU B 219 30.90 -27.70 -3.72
C LEU B 219 30.51 -28.98 -4.47
N LYS B 220 29.35 -28.97 -5.13
CA LYS B 220 28.96 -30.13 -5.94
C LYS B 220 29.88 -30.29 -7.14
N CYS B 221 30.24 -29.19 -7.80
CA CYS B 221 31.17 -29.22 -8.93
C CYS B 221 32.63 -29.09 -8.50
N GLY B 222 32.89 -28.70 -7.25
CA GLY B 222 34.25 -28.56 -6.77
C GLY B 222 35.02 -27.38 -7.33
N ARG B 223 34.44 -26.63 -8.27
CA ARG B 223 35.13 -25.53 -8.91
C ARG B 223 34.67 -24.20 -8.32
N GLU B 224 35.22 -23.11 -8.85
CA GLU B 224 34.97 -21.78 -8.33
C GLU B 224 34.91 -20.78 -9.47
N SER B 225 34.06 -19.77 -9.32
CA SER B 225 33.91 -18.70 -10.30
C SER B 225 34.02 -17.36 -9.58
N VAL B 226 34.95 -16.52 -10.03
CA VAL B 226 35.25 -15.26 -9.37
C VAL B 226 35.00 -14.10 -10.33
N LYS B 227 34.86 -12.90 -9.77
CA LYS B 227 34.74 -11.68 -10.54
C LYS B 227 35.43 -10.55 -9.78
N THR B 228 36.25 -9.79 -10.48
CA THR B 228 37.15 -8.83 -9.85
C THR B 228 36.50 -7.45 -9.74
N ASP B 229 36.61 -6.84 -8.56
CA ASP B 229 36.18 -5.47 -8.33
C ASP B 229 37.32 -4.67 -7.72
N TYR B 230 37.21 -3.35 -7.81
CA TYR B 230 38.19 -2.43 -7.25
C TYR B 230 37.52 -1.50 -6.26
N PHE B 231 38.30 -1.00 -5.30
CA PHE B 231 37.75 -0.15 -4.26
C PHE B 231 38.75 0.91 -3.85
N LEU B 232 38.24 2.13 -3.62
CA LEU B 232 39.00 3.20 -3.01
C LEU B 232 38.70 3.34 -1.52
N ASP B 233 37.68 2.64 -1.02
CA ASP B 233 37.27 2.69 0.37
C ASP B 233 37.05 1.28 0.88
N LEU B 234 36.91 1.15 2.19
CA LEU B 234 36.57 -0.10 2.85
C LEU B 234 35.31 0.14 3.67
N PRO B 235 34.13 -0.05 3.09
CA PRO B 235 32.87 0.28 3.77
C PRO B 235 32.55 -0.73 4.86
N LEU B 236 32.66 -0.30 6.11
CA LEU B 236 32.39 -1.14 7.27
C LEU B 236 31.29 -0.50 8.10
N ALA B 237 30.25 -1.28 8.39
CA ALA B 237 29.14 -0.77 9.20
C ALA B 237 29.49 -0.83 10.68
N VAL B 238 28.81 0.00 11.45
CA VAL B 238 29.00 0.03 12.90
C VAL B 238 27.99 -0.86 13.61
N LYS B 239 26.71 -0.68 13.29
CA LYS B 239 25.63 -1.52 13.83
C LYS B 239 24.71 -1.91 12.68
N PRO B 240 24.78 -3.16 12.21
CA PRO B 240 23.94 -3.57 11.08
C PRO B 240 22.45 -3.61 11.43
N PHE B 241 21.62 -3.94 10.45
CA PHE B 241 20.19 -4.01 10.65
C PHE B 241 19.85 -5.20 11.54
N GLY B 242 19.25 -4.93 12.70
CA GLY B 242 18.79 -5.97 13.59
C GLY B 242 19.90 -6.81 14.20
N ALA B 243 21.01 -6.19 14.58
CA ALA B 243 22.12 -6.90 15.18
C ALA B 243 22.02 -6.86 16.71
N ILE B 244 22.46 -7.94 17.35
CA ILE B 244 22.45 -8.00 18.81
C ILE B 244 23.57 -7.12 19.38
N HIS B 245 24.77 -7.23 18.83
CA HIS B 245 25.93 -6.47 19.27
C HIS B 245 26.48 -5.67 18.10
N ALA B 246 26.77 -4.40 18.33
CA ALA B 246 27.51 -3.62 17.34
C ALA B 246 28.96 -4.05 17.33
N TYR B 247 29.62 -3.83 16.19
CA TYR B 247 31.02 -4.19 16.06
C TYR B 247 31.87 -3.32 16.98
N LYS B 248 32.67 -3.98 17.82
CA LYS B 248 33.50 -3.27 18.79
C LYS B 248 34.76 -2.68 18.17
N SER B 249 35.17 -3.14 16.99
CA SER B 249 36.42 -2.71 16.40
C SER B 249 36.27 -2.68 14.88
N VAL B 250 37.28 -2.11 14.22
CA VAL B 250 37.33 -2.13 12.76
C VAL B 250 37.61 -3.54 12.27
N GLU B 251 38.42 -4.31 13.00
CA GLU B 251 38.75 -5.67 12.57
C GLU B 251 37.51 -6.56 12.54
N GLU B 252 36.61 -6.39 13.52
CA GLU B 252 35.41 -7.21 13.55
C GLU B 252 34.47 -6.87 12.39
N ALA B 253 34.37 -5.58 12.05
CA ALA B 253 33.55 -5.20 10.91
C ALA B 253 34.18 -5.66 9.59
N LEU B 254 35.51 -5.62 9.51
CA LEU B 254 36.18 -6.11 8.31
C LEU B 254 36.02 -7.62 8.19
N THR B 255 36.02 -8.34 9.31
CA THR B 255 35.79 -9.78 9.28
C THR B 255 34.38 -10.10 8.80
N ALA B 256 33.39 -9.31 9.24
CA ALA B 256 32.02 -9.53 8.79
C ALA B 256 31.83 -9.10 7.34
N PHE B 257 32.62 -8.13 6.87
CA PHE B 257 32.52 -7.68 5.49
C PHE B 257 32.98 -8.76 4.50
N VAL B 258 33.86 -9.66 4.93
CA VAL B 258 34.36 -10.73 4.09
C VAL B 258 33.78 -12.08 4.48
N GLN B 259 32.79 -12.10 5.36
CA GLN B 259 32.19 -13.36 5.79
C GLN B 259 31.39 -13.97 4.63
N PRO B 260 31.56 -15.26 4.35
CA PRO B 260 30.82 -15.87 3.25
C PRO B 260 29.39 -16.20 3.63
N GLU B 261 28.50 -16.07 2.64
CA GLU B 261 27.09 -16.40 2.78
C GLU B 261 26.82 -17.82 2.28
N LEU B 262 25.80 -18.45 2.86
CA LEU B 262 25.38 -19.79 2.48
C LEU B 262 26.50 -20.81 2.67
N ALA B 280 26.95 -24.71 -1.14
CA ALA B 280 27.97 -23.92 -1.81
C ALA B 280 28.39 -22.73 -0.96
N HIS B 281 29.53 -22.13 -1.29
CA HIS B 281 30.05 -20.97 -0.60
C HIS B 281 30.03 -19.76 -1.53
N LYS B 282 29.91 -18.57 -0.94
CA LYS B 282 29.86 -17.33 -1.70
C LYS B 282 30.17 -16.17 -0.77
N GLY B 283 31.03 -15.26 -1.22
CA GLY B 283 31.37 -14.10 -0.42
C GLY B 283 32.39 -13.24 -1.12
N LEU B 284 32.95 -12.30 -0.36
CA LEU B 284 34.00 -11.42 -0.86
C LEU B 284 35.35 -11.86 -0.34
N ARG B 285 36.39 -11.56 -1.13
CA ARG B 285 37.76 -11.83 -0.72
C ARG B 285 38.66 -10.75 -1.28
N ILE B 286 39.50 -10.18 -0.44
CA ILE B 286 40.40 -9.09 -0.83
C ILE B 286 41.71 -9.70 -1.33
N THR B 287 42.01 -9.49 -2.61
CA THR B 287 43.22 -10.06 -3.21
C THR B 287 44.42 -9.14 -3.08
N GLN B 288 44.20 -7.83 -2.97
CA GLN B 288 45.31 -6.88 -2.81
C GLN B 288 44.79 -5.67 -2.06
N PHE B 289 45.40 -5.37 -0.92
CA PHE B 289 45.03 -4.19 -0.16
C PHE B 289 45.70 -2.95 -0.74
N PRO B 290 45.06 -1.79 -0.61
CA PRO B 290 45.66 -0.56 -1.14
C PRO B 290 46.88 -0.14 -0.34
N TYR B 291 47.80 0.56 -1.00
CA TYR B 291 48.94 1.14 -0.30
C TYR B 291 48.49 2.18 0.71
N LEU B 292 47.46 2.93 0.38
CA LEU B 292 46.81 3.87 1.30
C LEU B 292 45.41 3.34 1.56
N LEU B 293 45.21 2.74 2.74
CA LEU B 293 43.94 2.12 3.09
C LEU B 293 42.99 3.17 3.66
N THR B 294 41.86 3.37 2.99
CA THR B 294 40.80 4.23 3.48
C THR B 294 39.66 3.37 4.00
N ILE B 295 39.23 3.64 5.23
CA ILE B 295 38.18 2.88 5.89
C ILE B 295 37.02 3.82 6.19
N GLN B 296 35.84 3.47 5.69
CA GLN B 296 34.62 4.23 5.94
C GLN B 296 33.80 3.53 7.02
N LEU B 297 33.59 4.22 8.13
CA LEU B 297 32.75 3.72 9.22
C LEU B 297 31.33 4.22 9.02
N LYS B 298 30.43 3.32 8.62
CA LYS B 298 29.05 3.69 8.30
C LYS B 298 28.32 4.08 9.57
N ARG B 299 28.58 5.30 10.03
CA ARG B 299 27.86 5.86 11.17
C ARG B 299 26.63 6.65 10.76
N PHE B 300 26.66 7.26 9.57
CA PHE B 300 25.56 8.10 9.11
C PHE B 300 24.55 7.27 8.32
N ASP B 301 23.30 7.31 8.74
CA ASP B 301 22.20 6.71 8.01
C ASP B 301 21.17 7.79 7.71
N PHE B 302 20.34 7.54 6.69
CA PHE B 302 19.39 8.52 6.20
C PHE B 302 17.98 8.10 6.60
N ASP B 303 17.48 8.66 7.70
CA ASP B 303 16.11 8.41 8.12
C ASP B 303 15.15 9.06 7.13
N TYR B 304 14.09 8.32 6.78
CA TYR B 304 13.07 8.81 5.87
C TYR B 304 11.81 9.28 6.59
N ASN B 305 11.67 8.97 7.87
CA ASN B 305 10.48 9.33 8.63
C ASN B 305 10.62 10.66 9.35
N THR B 306 11.79 11.29 9.31
CA THR B 306 11.96 12.59 9.98
C THR B 306 11.77 13.76 9.01
N MET B 307 12.51 13.81 7.90
CA MET B 307 13.59 12.96 7.40
C MET B 307 14.91 13.74 7.39
N HIS B 308 15.83 13.32 8.25
CA HIS B 308 17.14 13.95 8.37
C HIS B 308 18.19 12.86 8.51
N ARG B 309 19.45 13.29 8.62
CA ARG B 309 20.53 12.35 8.89
C ARG B 309 20.50 11.92 10.35
N ILE B 310 20.71 10.62 10.58
CA ILE B 310 20.94 10.10 11.91
C ILE B 310 22.33 9.46 11.93
N LYS B 311 22.88 9.33 13.13
CA LYS B 311 24.24 8.82 13.30
C LYS B 311 24.27 7.77 14.39
N LEU B 312 24.88 6.62 14.08
CA LEU B 312 25.12 5.60 15.08
C LEU B 312 26.29 6.01 15.98
N ASN B 313 26.16 5.75 17.27
CA ASN B 313 27.12 6.21 18.26
C ASN B 313 27.73 5.05 19.05
N ASP B 314 27.79 3.87 18.46
CA ASP B 314 28.37 2.73 19.14
C ASP B 314 29.90 2.88 19.22
N LYS B 315 30.45 2.51 20.37
CA LYS B 315 31.90 2.62 20.59
C LYS B 315 32.61 1.58 19.73
N MET B 316 33.20 2.02 18.63
CA MET B 316 33.92 1.15 17.70
C MET B 316 35.38 1.59 17.66
N THR B 317 36.27 0.67 17.96
CA THR B 317 37.69 0.98 18.13
C THR B 317 38.47 0.77 16.84
N PHE B 318 39.69 1.32 16.82
CA PHE B 318 40.63 1.16 15.73
C PHE B 318 42.02 1.48 16.25
N PRO B 319 43.05 0.73 15.85
CA PRO B 319 44.39 0.97 16.41
C PRO B 319 45.23 1.88 15.55
N ASP B 320 46.44 2.21 16.03
CA ASP B 320 47.40 2.91 15.18
C ASP B 320 48.14 1.96 14.26
N VAL B 321 48.25 0.69 14.64
CA VAL B 321 48.87 -0.35 13.82
C VAL B 321 47.81 -1.40 13.57
N LEU B 322 47.38 -1.52 12.31
CA LEU B 322 46.31 -2.42 11.92
C LEU B 322 46.90 -3.59 11.16
N ASP B 323 46.63 -4.81 11.62
CA ASP B 323 47.13 -6.03 11.00
C ASP B 323 46.09 -6.59 10.06
N LEU B 324 46.43 -6.68 8.77
CA LEU B 324 45.53 -7.18 7.74
C LEU B 324 46.08 -8.42 7.04
N ASN B 325 47.02 -9.11 7.69
CA ASN B 325 47.65 -10.27 7.05
C ASN B 325 46.70 -11.46 6.98
N ASP B 326 45.79 -11.58 7.94
CA ASP B 326 44.85 -12.71 7.93
C ASP B 326 43.79 -12.58 6.84
N TYR B 327 43.63 -11.40 6.27
CA TYR B 327 42.64 -11.16 5.22
C TYR B 327 43.21 -11.35 3.81
N VAL B 328 44.46 -11.80 3.69
CA VAL B 328 45.07 -12.01 2.38
C VAL B 328 45.15 -13.50 2.08
N CYS B 382 43.25 -2.30 25.76
CA CYS B 382 43.54 -1.99 24.37
C CYS B 382 43.88 -0.51 24.21
N VAL B 383 45.10 -0.27 23.78
CA VAL B 383 45.60 1.06 23.46
C VAL B 383 46.43 1.23 22.19
N GLY B 384 45.98 2.09 21.29
CA GLY B 384 46.47 2.14 19.93
C GLY B 384 46.84 3.56 19.61
N GLN B 385 46.32 4.47 20.42
CA GLN B 385 46.45 5.90 20.20
C GLN B 385 47.89 6.41 20.29
N PRO B 386 48.55 6.13 21.43
CA PRO B 386 49.90 6.65 21.70
C PRO B 386 50.91 6.42 20.58
N ILE B 387 52.14 6.89 20.78
CA ILE B 387 53.19 6.72 19.79
C ILE B 387 53.53 5.25 19.63
N ASP B 388 53.71 4.82 18.38
CA ASP B 388 53.87 3.41 18.06
C ASP B 388 55.23 2.88 18.48
N HIS B 389 55.26 1.58 18.80
CA HIS B 389 56.49 0.86 19.08
C HIS B 389 56.97 0.23 17.78
N ALA B 390 58.12 0.66 17.29
CA ALA B 390 58.67 0.09 16.06
C ALA B 390 59.06 -1.37 16.22
N ALA B 391 59.32 -1.81 17.45
CA ALA B 391 59.71 -3.20 17.67
C ALA B 391 58.56 -4.15 17.35
N VAL B 392 57.37 -3.86 17.85
CA VAL B 392 56.22 -4.72 17.57
C VAL B 392 55.84 -4.62 16.10
N ASP B 393 56.16 -3.51 15.44
CA ASP B 393 55.95 -3.42 14.00
C ASP B 393 56.84 -4.40 13.26
N ASP B 394 58.10 -4.52 13.68
CA ASP B 394 58.99 -5.52 13.09
C ASP B 394 58.53 -6.93 13.40
N ILE B 395 57.91 -7.14 14.56
CA ILE B 395 57.41 -8.47 14.91
C ILE B 395 56.28 -8.86 13.98
N VAL B 396 55.30 -7.97 13.81
CA VAL B 396 54.17 -8.27 12.93
C VAL B 396 54.63 -8.36 11.48
N LYS B 397 55.66 -7.59 11.11
CA LYS B 397 56.22 -7.74 9.76
C LYS B 397 56.89 -9.09 9.57
N THR B 398 57.44 -9.66 10.65
CA THR B 398 57.94 -11.03 10.59
C THR B 398 56.80 -12.04 10.54
N SER B 399 55.59 -11.64 10.93
CA SER B 399 54.42 -12.51 10.91
C SER B 399 53.41 -12.09 9.84
N GLY B 400 53.88 -11.44 8.78
CA GLY B 400 53.03 -11.04 7.68
C GLY B 400 53.48 -9.73 7.08
N ASP B 401 53.01 -9.45 5.87
CA ASP B 401 53.45 -8.30 5.10
C ASP B 401 52.42 -7.18 5.03
N ASN B 402 51.16 -7.45 5.37
CA ASN B 402 50.09 -6.44 5.26
C ASN B 402 49.86 -5.82 6.64
N VAL B 403 50.68 -4.84 6.96
CA VAL B 403 50.57 -4.07 8.20
C VAL B 403 50.42 -2.60 7.84
N TYR B 404 49.53 -1.91 8.55
CA TYR B 404 49.17 -0.54 8.21
C TYR B 404 49.28 0.35 9.44
N GLU B 405 49.48 1.64 9.19
CA GLU B 405 49.73 2.63 10.23
C GLU B 405 48.69 3.74 10.12
N LEU B 406 47.92 3.94 11.19
CA LEU B 406 46.91 4.98 11.22
C LEU B 406 47.57 6.36 11.22
N PHE B 407 47.11 7.24 10.32
CA PHE B 407 47.60 8.60 10.31
C PHE B 407 46.52 9.66 10.12
N SER B 408 45.27 9.29 9.88
CA SER B 408 44.21 10.29 9.76
C SER B 408 42.91 9.71 10.31
N VAL B 409 42.25 10.45 11.18
CA VAL B 409 40.99 10.05 11.81
C VAL B 409 40.03 11.20 11.62
N MET B 410 39.18 11.11 10.59
CA MET B 410 38.21 12.14 10.27
C MET B 410 36.94 11.89 11.08
N VAL B 411 36.62 12.81 11.99
CA VAL B 411 35.54 12.62 12.95
C VAL B 411 34.47 13.69 12.75
N HIS B 412 33.29 13.42 13.31
CA HIS B 412 32.19 14.37 13.30
C HIS B 412 31.63 14.48 14.72
N SER B 413 31.12 15.68 15.04
CA SER B 413 30.62 15.96 16.38
C SER B 413 29.30 16.72 16.28
N GLY B 414 28.45 16.53 17.29
CA GLY B 414 27.24 17.31 17.42
C GLY B 414 26.02 16.70 16.75
N ASN B 415 25.21 17.55 16.13
CA ASN B 415 23.98 17.09 15.49
C ASN B 415 24.29 16.35 14.21
N ALA B 416 23.51 15.31 13.93
CA ALA B 416 23.77 14.46 12.77
C ALA B 416 23.40 15.16 11.47
N ALA B 417 22.44 16.10 11.50
CA ALA B 417 22.05 16.80 10.28
C ALA B 417 23.13 17.77 9.83
N GLY B 418 23.75 18.48 10.77
CA GLY B 418 24.84 19.38 10.44
C GLY B 418 26.09 19.10 11.26
N GLY B 419 26.14 19.64 12.47
CA GLY B 419 27.22 19.36 13.39
C GLY B 419 28.52 20.06 13.01
N HIS B 420 29.62 19.45 13.43
CA HIS B 420 30.95 19.98 13.22
C HIS B 420 31.87 18.87 12.72
N TYR B 421 32.67 19.18 11.71
CA TYR B 421 33.58 18.22 11.10
C TYR B 421 35.03 18.67 11.33
N PHE B 422 35.87 17.73 11.74
CA PHE B 422 37.31 17.97 11.85
C PHE B 422 38.00 16.60 11.86
N ALA B 423 39.30 16.60 12.12
CA ALA B 423 40.06 15.36 12.04
C ALA B 423 41.28 15.43 12.94
N TYR B 424 41.74 14.25 13.34
CA TYR B 424 43.02 14.06 14.04
C TYR B 424 43.98 13.39 13.07
N ILE B 425 44.97 14.14 12.61
CA ILE B 425 45.92 13.66 11.60
C ILE B 425 47.31 13.65 12.20
N LYS B 426 48.07 12.61 11.91
CA LYS B 426 49.42 12.44 12.43
C LYS B 426 50.44 12.77 11.35
N ASN B 427 51.45 13.55 11.70
CA ASN B 427 52.58 13.81 10.81
C ASN B 427 53.48 12.58 10.82
N LEU B 428 53.52 11.85 9.70
CA LEU B 428 54.25 10.58 9.65
C LEU B 428 55.74 10.74 9.85
N ASP B 429 56.29 11.92 9.58
CA ASP B 429 57.74 12.10 9.70
C ASP B 429 58.15 12.40 11.13
N GLN B 430 57.44 13.30 11.80
CA GLN B 430 57.75 13.65 13.18
C GLN B 430 56.90 12.90 14.19
N ASP B 431 55.98 12.04 13.73
CA ASP B 431 55.24 11.11 14.59
C ASP B 431 54.50 11.85 15.71
N ARG B 432 53.88 12.98 15.37
CA ARG B 432 53.09 13.77 16.31
C ARG B 432 51.67 13.88 15.81
N TRP B 433 50.71 13.66 16.72
CA TRP B 433 49.30 13.77 16.38
C TRP B 433 48.83 15.20 16.58
N TYR B 434 48.08 15.70 15.61
CA TYR B 434 47.54 17.05 15.65
C TYR B 434 46.04 17.03 15.38
N VAL B 435 45.31 17.91 16.05
CA VAL B 435 43.88 18.08 15.80
C VAL B 435 43.68 19.21 14.79
N PHE B 436 43.15 18.85 13.62
CA PHE B 436 43.02 19.81 12.53
C PHE B 436 41.60 20.38 12.51
N ASN B 437 41.33 21.22 13.50
CA ASN B 437 40.14 22.04 13.50
C ASN B 437 40.26 22.93 12.28
N ASP B 438 39.15 23.56 11.89
CA ASP B 438 39.12 24.38 10.69
C ASP B 438 40.26 25.40 10.62
N THR B 439 40.21 26.40 11.49
CA THR B 439 41.18 27.50 11.45
C THR B 439 42.23 27.44 12.56
N ARG B 440 42.18 26.37 13.33
CA ARG B 440 43.11 26.15 14.43
C ARG B 440 43.70 24.74 14.36
N VAL B 441 45.03 24.66 14.39
CA VAL B 441 45.75 23.40 14.44
C VAL B 441 46.49 23.33 15.77
N ASP B 442 46.24 22.28 16.54
CA ASP B 442 46.85 22.15 17.86
C ASP B 442 47.27 20.71 18.13
N PHE B 443 48.12 20.53 19.13
CA PHE B 443 48.60 19.21 19.49
C PHE B 443 47.44 18.34 19.97
N ALA B 444 47.65 17.03 19.93
CA ALA B 444 46.61 16.07 20.27
C ALA B 444 47.17 15.03 21.23
N THR B 445 46.44 14.78 22.31
CA THR B 445 46.75 13.74 23.27
C THR B 445 46.04 12.44 22.89
N PRO B 446 46.53 11.29 23.35
CA PRO B 446 45.85 10.03 23.06
C PRO B 446 44.41 9.99 23.55
N LEU B 447 44.05 10.80 24.54
CA LEU B 447 42.68 10.79 25.04
C LEU B 447 41.71 11.39 24.01
N GLU B 448 42.13 12.46 23.33
CA GLU B 448 41.26 13.08 22.32
C GLU B 448 40.93 12.10 21.20
N ILE B 449 41.91 11.33 20.75
CA ILE B 449 41.66 10.39 19.67
C ILE B 449 40.96 9.14 20.16
N GLU B 450 41.20 8.74 21.41
CA GLU B 450 40.51 7.57 21.96
C GLU B 450 39.03 7.84 22.15
N LYS B 451 38.65 9.11 22.36
CA LYS B 451 37.23 9.45 22.50
C LYS B 451 36.48 9.30 21.19
N SER B 452 37.17 9.33 20.05
CA SER B 452 36.50 9.17 18.76
C SER B 452 36.04 7.74 18.50
N PHE B 453 36.36 6.80 19.39
CA PHE B 453 35.88 5.43 19.20
C PHE B 453 34.36 5.35 19.25
N GLY B 454 33.72 6.27 19.96
CA GLY B 454 32.29 6.31 20.06
C GLY B 454 31.81 6.08 21.49
N GLY B 455 30.52 5.81 21.60
CA GLY B 455 29.90 5.61 22.90
C GLY B 455 28.57 6.33 23.00
N HIS B 456 27.50 5.59 23.26
CA HIS B 456 26.18 6.18 23.34
C HIS B 456 26.11 7.15 24.50
N PRO B 457 25.77 8.43 24.26
CA PRO B 457 25.71 9.40 25.37
C PRO B 457 24.52 9.16 26.27
N SER B 458 24.25 10.11 27.17
CA SER B 458 23.15 9.99 28.12
C SER B 458 21.81 10.02 27.41
N SER B 463 26.19 14.83 23.87
CA SER B 463 27.65 14.84 23.82
C SER B 463 28.17 13.57 23.15
N ASN B 464 28.52 13.68 21.87
CA ASN B 464 28.97 12.53 21.10
C ASN B 464 29.84 13.00 19.94
N THR B 465 31.10 12.55 19.94
CA THR B 465 32.04 12.80 18.85
C THR B 465 32.65 11.46 18.46
N ASN B 466 32.44 11.04 17.22
CA ASN B 466 32.93 9.74 16.76
C ASN B 466 33.50 9.87 15.35
N ALA B 467 34.33 8.89 14.98
CA ALA B 467 35.05 8.92 13.71
C ALA B 467 34.25 8.22 12.62
N TYR B 468 34.19 8.84 11.45
CA TYR B 468 33.49 8.26 10.31
C TYR B 468 34.42 7.78 9.21
N MET B 469 35.70 8.18 9.24
CA MET B 469 36.65 7.72 8.24
C MET B 469 38.03 7.61 8.86
N LEU B 470 38.80 6.65 8.36
CA LEU B 470 40.16 6.40 8.81
C LEU B 470 41.07 6.28 7.60
N MET B 471 42.32 6.72 7.76
CA MET B 471 43.33 6.59 6.71
C MET B 471 44.57 5.93 7.30
N TYR B 472 44.90 4.75 6.78
CA TYR B 472 46.08 4.01 7.17
C TYR B 472 47.07 3.97 6.02
N ARG B 473 48.36 3.87 6.35
CA ARG B 473 49.41 3.71 5.35
C ARG B 473 50.16 2.42 5.62
N ARG B 474 50.43 1.68 4.54
CA ARG B 474 51.13 0.41 4.65
C ARG B 474 52.57 0.64 5.10
N ILE B 475 53.06 -0.28 5.93
CA ILE B 475 54.42 -0.19 6.47
C ILE B 475 55.37 -0.84 5.47
N ASP B 476 56.12 -0.01 4.76
CA ASP B 476 57.10 -0.49 3.78
C ASP B 476 58.30 0.44 3.82
N PRO B 477 59.41 0.01 4.45
CA PRO B 477 60.60 0.88 4.53
C PRO B 477 61.16 1.26 3.18
N LYS B 478 60.77 0.57 2.11
CA LYS B 478 61.22 0.93 0.77
C LYS B 478 60.34 2.01 0.16
N ARG B 479 59.03 1.85 0.23
CA ARG B 479 58.09 2.73 -0.46
C ARG B 479 57.63 3.92 0.37
N ASN B 480 57.69 3.82 1.70
CA ASN B 480 57.25 4.92 2.55
C ASN B 480 58.12 6.15 2.33
N ALA B 481 57.51 7.22 1.83
CA ALA B 481 58.22 8.44 1.49
C ALA B 481 58.04 9.47 2.61
N ARG B 482 59.05 10.33 2.75
CA ARG B 482 59.03 11.41 3.72
C ARG B 482 58.65 12.72 3.05
N PHE B 483 58.12 13.64 3.84
CA PHE B 483 57.79 14.97 3.35
C PHE B 483 59.05 15.67 2.85
N ILE B 484 59.12 15.96 1.56
CA ILE B 484 60.25 16.69 1.04
C ILE B 484 60.24 18.10 1.62
N LEU B 485 61.41 18.58 1.99
CA LEU B 485 61.51 19.83 2.73
C LEU B 485 61.57 21.02 1.77
N SER B 486 61.32 22.21 2.33
CA SER B 486 61.33 23.43 1.52
C SER B 486 62.69 23.67 0.86
N ASN B 487 63.76 23.10 1.41
CA ASN B 487 65.07 23.22 0.78
C ASN B 487 65.21 22.37 -0.46
N GLN B 488 64.27 21.47 -0.73
CA GLN B 488 64.25 20.67 -1.94
C GLN B 488 63.24 21.17 -2.97
N LEU B 489 62.46 22.18 -2.62
CA LEU B 489 61.47 22.71 -3.55
C LEU B 489 62.14 23.51 -4.66
N PRO B 490 61.70 23.38 -5.90
CA PRO B 490 62.35 24.10 -7.00
C PRO B 490 61.94 25.56 -7.07
N GLN B 491 60.74 25.89 -6.63
CA GLN B 491 60.21 27.25 -6.75
C GLN B 491 59.08 27.43 -5.75
N HIS B 492 58.47 28.61 -5.78
CA HIS B 492 57.35 28.93 -4.91
C HIS B 492 56.33 29.80 -5.63
N TYR C 76 -13.01 -14.64 -21.45
CA TYR C 76 -13.82 -13.65 -22.13
C TYR C 76 -13.95 -12.39 -21.27
N ALA C 77 -13.69 -12.53 -19.98
CA ALA C 77 -13.78 -11.39 -19.07
C ALA C 77 -12.62 -10.43 -19.32
N ILE C 78 -12.91 -9.14 -19.18
CA ILE C 78 -11.91 -8.09 -19.40
C ILE C 78 -11.76 -7.28 -18.12
N PRO C 79 -10.57 -6.72 -17.84
CA PRO C 79 -10.41 -5.93 -16.61
C PRO C 79 -11.27 -4.68 -16.60
N VAL C 80 -12.27 -4.65 -15.72
CA VAL C 80 -13.21 -3.54 -15.65
C VAL C 80 -13.31 -3.05 -14.21
N ASP C 81 -13.76 -1.81 -14.06
CA ASP C 81 -13.86 -1.18 -12.76
C ASP C 81 -15.02 -1.79 -11.96
N GLU C 82 -15.18 -1.28 -10.73
CA GLU C 82 -16.42 -1.45 -9.99
C GLU C 82 -17.55 -0.62 -10.61
N ASN C 83 -17.20 0.39 -11.41
CA ASN C 83 -18.15 1.20 -12.13
C ASN C 83 -18.51 0.61 -13.49
N GLY C 84 -17.89 -0.50 -13.89
CA GLY C 84 -18.07 -1.02 -15.22
C GLY C 84 -17.20 -0.36 -16.26
N HIS C 85 -16.07 0.20 -15.85
CA HIS C 85 -15.19 0.97 -16.72
C HIS C 85 -13.85 0.25 -16.85
N ARG C 86 -13.28 0.27 -18.05
CA ARG C 86 -12.02 -0.42 -18.28
C ARG C 86 -10.88 0.27 -17.53
N TYR C 87 -9.99 -0.53 -16.96
CA TYR C 87 -8.80 0.03 -16.35
C TYR C 87 -7.90 0.63 -17.42
N VAL C 88 -7.37 1.82 -17.14
CA VAL C 88 -6.54 2.55 -18.09
C VAL C 88 -5.14 2.66 -17.51
N GLY C 89 -4.15 2.25 -18.29
CA GLY C 89 -2.76 2.33 -17.87
C GLY C 89 -2.19 3.71 -18.09
N LEU C 90 -0.89 3.83 -17.81
CA LEU C 90 -0.15 5.07 -17.97
C LEU C 90 0.89 4.91 -19.07
N VAL C 91 1.38 6.05 -19.56
CA VAL C 91 2.34 6.06 -20.66
C VAL C 91 3.64 5.38 -20.22
N ASN C 92 4.50 5.08 -21.20
CA ASN C 92 5.74 4.39 -20.91
C ASN C 92 6.61 5.21 -19.96
N GLN C 93 7.39 4.50 -19.15
CA GLN C 93 8.21 5.15 -18.11
C GLN C 93 9.54 5.55 -18.72
N ALA C 94 9.54 6.69 -19.41
CA ALA C 94 10.76 7.26 -19.94
C ALA C 94 11.68 7.70 -18.81
N MET C 95 12.27 6.72 -18.12
CA MET C 95 13.09 6.91 -16.93
C MET C 95 12.31 7.51 -15.76
N THR C 96 10.97 7.53 -15.84
CA THR C 96 10.15 7.94 -14.70
C THR C 96 10.06 6.83 -13.66
N CYS C 97 10.32 5.59 -14.06
CA CYS C 97 10.47 4.45 -13.14
C CYS C 97 9.17 4.24 -12.39
N TYR C 98 9.17 4.20 -11.05
CA TYR C 98 8.03 3.88 -10.18
C TYR C 98 6.90 4.89 -10.23
N LEU C 99 6.92 5.92 -11.08
CA LEU C 99 5.83 6.90 -11.09
C LEU C 99 4.51 6.24 -11.45
N ASN C 100 4.48 5.52 -12.57
CA ASN C 100 3.26 4.80 -12.96
C ASN C 100 2.87 3.76 -11.92
N SER C 101 3.85 3.13 -11.28
CA SER C 101 3.55 2.11 -10.28
C SER C 101 2.97 2.73 -9.02
N LEU C 102 3.36 3.94 -8.66
CA LEU C 102 2.90 4.55 -7.42
C LEU C 102 1.54 5.21 -7.58
N VAL C 103 1.30 5.87 -8.72
CA VAL C 103 0.04 6.59 -8.94
C VAL C 103 -1.13 5.61 -8.91
N GLN C 104 -0.99 4.47 -9.59
CA GLN C 104 -2.05 3.47 -9.61
C GLN C 104 -2.29 2.92 -8.21
N SER C 105 -1.23 2.72 -7.43
CA SER C 105 -1.38 2.24 -6.06
C SER C 105 -2.13 3.25 -5.20
N LEU C 106 -1.98 4.54 -5.48
CA LEU C 106 -2.77 5.55 -4.79
C LEU C 106 -4.14 5.73 -5.43
N TYR C 107 -4.29 5.42 -6.71
CA TYR C 107 -5.60 5.43 -7.34
C TYR C 107 -6.46 4.26 -6.89
N MET C 108 -5.85 3.17 -6.42
CA MET C 108 -6.57 2.00 -5.94
C MET C 108 -6.64 1.94 -4.43
N THR C 109 -6.25 3.00 -3.72
CA THR C 109 -6.44 3.08 -2.29
C THR C 109 -7.79 3.71 -2.01
N PRO C 110 -8.74 2.98 -1.40
CA PRO C 110 -10.12 3.50 -1.31
C PRO C 110 -10.23 4.80 -0.52
N GLU C 111 -9.73 4.83 0.72
CA GLU C 111 -9.83 6.04 1.53
C GLU C 111 -9.10 7.21 0.88
N PHE C 112 -8.04 6.94 0.11
CA PHE C 112 -7.29 8.01 -0.52
C PHE C 112 -8.06 8.61 -1.70
N ARG C 113 -8.59 7.76 -2.59
CA ARG C 113 -9.35 8.26 -3.71
C ARG C 113 -10.65 8.92 -3.27
N ASN C 114 -11.24 8.45 -2.16
CA ASN C 114 -12.45 9.07 -1.65
C ASN C 114 -12.17 10.42 -1.00
N ALA C 115 -10.99 10.58 -0.40
CA ALA C 115 -10.61 11.87 0.17
C ALA C 115 -10.34 12.91 -0.90
N MET C 116 -10.04 12.49 -2.12
CA MET C 116 -9.79 13.42 -3.22
C MET C 116 -11.06 14.13 -3.67
N TYR C 117 -12.22 13.73 -3.17
CA TYR C 117 -13.50 14.31 -3.57
C TYR C 117 -13.96 15.30 -2.51
N ASP C 118 -14.28 16.51 -2.94
CA ASP C 118 -14.75 17.56 -2.03
C ASP C 118 -16.25 17.79 -2.17
N LYS C 134 -2.49 29.54 -9.79
CA LYS C 134 -1.79 29.10 -8.60
C LYS C 134 -2.29 27.74 -8.14
N ALA C 135 -3.52 27.41 -8.55
CA ALA C 135 -4.12 26.14 -8.15
C ALA C 135 -3.61 24.98 -8.99
N GLU C 136 -3.46 25.20 -10.30
CA GLU C 136 -3.06 24.10 -11.19
C GLU C 136 -1.62 23.65 -10.93
N GLN C 137 -0.75 24.56 -10.50
CA GLN C 137 0.63 24.18 -10.23
C GLN C 137 0.77 23.37 -8.96
N SER C 138 -0.17 23.50 -8.02
CA SER C 138 -0.20 22.61 -6.88
C SER C 138 -0.51 21.19 -7.34
N ILE C 139 0.30 20.23 -6.89
CA ILE C 139 0.18 18.85 -7.33
C ILE C 139 -1.11 18.18 -6.86
N PRO C 140 -1.81 18.63 -5.80
CA PRO C 140 -3.13 18.05 -5.54
C PRO C 140 -4.13 18.27 -6.66
N CYS C 141 -4.05 19.41 -7.36
CA CYS C 141 -4.97 19.68 -8.45
C CYS C 141 -4.69 18.76 -9.64
N GLN C 142 -3.41 18.60 -9.99
CA GLN C 142 -3.06 17.66 -11.06
C GLN C 142 -3.35 16.23 -10.67
N LEU C 143 -3.26 15.91 -9.37
CA LEU C 143 -3.52 14.55 -8.92
C LEU C 143 -5.01 14.22 -9.00
N GLN C 144 -5.86 15.14 -8.54
CA GLN C 144 -7.30 14.96 -8.70
C GLN C 144 -7.71 14.93 -10.16
N LYS C 145 -7.01 15.70 -10.99
CA LYS C 145 -7.28 15.68 -12.43
C LYS C 145 -6.95 14.33 -13.02
N LEU C 146 -5.80 13.75 -12.65
CA LEU C 146 -5.41 12.46 -13.17
C LEU C 146 -6.24 11.33 -12.58
N PHE C 147 -6.75 11.51 -11.36
CA PHE C 147 -7.64 10.51 -10.76
C PHE C 147 -8.96 10.45 -11.50
N LEU C 148 -9.55 11.61 -11.79
CA LEU C 148 -10.80 11.62 -12.55
C LEU C 148 -10.60 11.11 -13.97
N LEU C 149 -9.41 11.34 -14.54
CA LEU C 149 -9.12 10.79 -15.86
C LEU C 149 -8.97 9.27 -15.80
N LEU C 150 -8.30 8.76 -14.77
CA LEU C 150 -8.21 7.31 -14.59
C LEU C 150 -9.57 6.70 -14.29
N GLN C 151 -10.55 7.50 -13.87
CA GLN C 151 -11.86 6.98 -13.49
C GLN C 151 -12.88 7.05 -14.62
N THR C 152 -12.70 7.97 -15.57
CA THR C 152 -13.69 8.21 -16.61
C THR C 152 -13.19 8.00 -18.04
N SER C 153 -11.90 8.12 -18.29
CA SER C 153 -11.39 8.02 -19.66
C SER C 153 -11.59 6.61 -20.22
N GLU C 154 -11.68 6.54 -21.55
CA GLU C 154 -11.85 5.25 -22.23
C GLU C 154 -10.62 4.89 -23.05
N ASN C 155 -9.63 5.79 -23.09
CA ASN C 155 -8.41 5.55 -23.85
C ASN C 155 -7.58 4.40 -23.25
N ASP C 156 -6.42 4.13 -23.87
CA ASP C 156 -5.55 3.06 -23.39
C ASP C 156 -4.53 3.53 -22.37
N SER C 157 -3.98 4.73 -22.55
CA SER C 157 -2.93 5.23 -21.68
C SER C 157 -3.13 6.71 -21.41
N LEU C 158 -2.62 7.17 -20.27
CA LEU C 158 -2.70 8.55 -19.85
C LEU C 158 -1.30 9.14 -19.75
N GLU C 159 -1.20 10.44 -20.01
CA GLU C 159 0.07 11.15 -19.94
C GLU C 159 0.36 11.60 -18.52
N THR C 160 1.52 11.22 -18.00
CA THR C 160 2.05 11.76 -16.76
C THR C 160 2.82 13.06 -16.97
N LYS C 161 2.60 13.71 -18.11
CA LYS C 161 3.38 14.90 -18.45
C LYS C 161 3.11 16.03 -17.48
N ASP C 162 1.84 16.39 -17.29
CA ASP C 162 1.50 17.49 -16.40
C ASP C 162 1.80 17.14 -14.94
N LEU C 163 1.78 15.85 -14.60
CA LEU C 163 2.07 15.45 -13.22
C LEU C 163 3.55 15.61 -12.91
N THR C 164 4.42 15.05 -13.74
CA THR C 164 5.86 15.24 -13.55
C THR C 164 6.27 16.68 -13.80
N GLN C 165 5.45 17.46 -14.51
CA GLN C 165 5.68 18.89 -14.63
C GLN C 165 5.31 19.62 -13.35
N SER C 166 4.23 19.20 -12.69
CA SER C 166 3.86 19.80 -11.42
C SER C 166 4.86 19.44 -10.32
N PHE C 167 5.55 18.31 -10.46
CA PHE C 167 6.61 17.96 -9.51
C PHE C 167 7.84 18.84 -9.69
N GLY C 168 8.07 19.33 -10.90
CA GLY C 168 9.29 20.06 -11.20
C GLY C 168 10.48 19.19 -11.54
N TRP C 169 10.27 17.90 -11.77
CA TRP C 169 11.36 16.96 -12.06
C TRP C 169 11.53 16.84 -13.58
N THR C 170 12.03 17.92 -14.17
CA THR C 170 12.19 17.96 -15.62
C THR C 170 13.35 17.08 -16.09
N SER C 171 14.33 16.82 -15.22
CA SER C 171 15.47 16.01 -15.59
C SER C 171 15.03 14.60 -15.99
N ASN C 172 15.70 14.05 -17.01
CA ASN C 172 15.40 12.69 -17.42
C ASN C 172 15.82 11.68 -16.36
N GLU C 173 16.92 11.96 -15.65
CA GLU C 173 17.40 11.12 -14.57
C GLU C 173 16.87 11.57 -13.21
N ALA C 174 15.71 12.22 -13.17
CA ALA C 174 15.22 12.78 -11.92
C ALA C 174 14.70 11.68 -10.98
N TYR C 175 14.04 10.67 -11.54
CA TYR C 175 13.46 9.61 -10.70
C TYR C 175 14.49 8.59 -10.26
N ASP C 176 15.66 8.54 -10.92
CA ASP C 176 16.75 7.69 -10.46
C ASP C 176 17.53 8.30 -9.31
N GLN C 177 17.34 9.60 -9.04
CA GLN C 177 18.05 10.31 -7.98
C GLN C 177 17.18 10.54 -6.76
N HIS C 178 15.97 9.99 -6.73
CA HIS C 178 15.05 10.16 -5.62
C HIS C 178 14.56 8.80 -5.14
N ASP C 179 14.25 8.71 -3.86
CA ASP C 179 13.59 7.54 -3.31
C ASP C 179 12.08 7.75 -3.31
N VAL C 180 11.34 6.65 -3.48
CA VAL C 180 9.90 6.73 -3.62
C VAL C 180 9.25 7.29 -2.35
N GLN C 181 9.84 7.02 -1.18
CA GLN C 181 9.31 7.56 0.06
C GLN C 181 9.33 9.09 0.06
N GLU C 182 10.34 9.68 -0.59
CA GLU C 182 10.41 11.14 -0.67
C GLU C 182 9.28 11.70 -1.52
N LEU C 183 8.95 11.02 -2.63
CA LEU C 183 7.83 11.46 -3.45
C LEU C 183 6.51 11.30 -2.72
N CYS C 184 6.38 10.25 -1.92
CA CYS C 184 5.15 10.04 -1.15
C CYS C 184 4.94 11.17 -0.14
N ARG C 185 5.99 11.52 0.60
CA ARG C 185 5.87 12.60 1.58
C ARG C 185 5.74 13.96 0.89
N LEU C 186 6.33 14.11 -0.30
CA LEU C 186 6.18 15.35 -1.06
C LEU C 186 4.72 15.59 -1.41
N MET C 187 4.02 14.55 -1.88
CA MET C 187 2.61 14.69 -2.20
C MET C 187 1.77 14.80 -0.94
N PHE C 188 2.14 14.08 0.12
CA PHE C 188 1.39 14.16 1.37
C PHE C 188 1.50 15.53 2.01
N ASP C 189 2.70 16.13 1.98
CA ASP C 189 2.86 17.47 2.53
C ASP C 189 2.08 18.50 1.73
N ALA C 190 2.01 18.32 0.41
CA ALA C 190 1.22 19.23 -0.42
C ALA C 190 -0.27 19.07 -0.13
N LEU C 191 -0.72 17.84 0.11
CA LEU C 191 -2.13 17.62 0.43
C LEU C 191 -2.49 18.24 1.77
N GLU C 192 -1.66 18.01 2.79
CA GLU C 192 -1.93 18.61 4.10
C GLU C 192 -1.80 20.12 4.07
N HIS C 193 -0.93 20.66 3.20
CA HIS C 193 -0.81 22.11 3.07
C HIS C 193 -2.05 22.71 2.42
N LYS C 194 -2.72 21.95 1.55
CA LYS C 194 -3.91 22.45 0.87
C LYS C 194 -5.19 22.19 1.67
N TRP C 195 -5.23 21.08 2.42
CA TRP C 195 -6.42 20.69 3.16
C TRP C 195 -6.49 21.32 4.55
N LYS C 196 -5.56 22.20 4.90
CA LYS C 196 -5.61 22.85 6.21
C LYS C 196 -6.85 23.75 6.30
N GLY C 197 -7.58 23.62 7.40
CA GLY C 197 -8.82 24.33 7.59
C GLY C 197 -10.06 23.55 7.21
N THR C 198 -9.92 22.49 6.41
CA THR C 198 -11.02 21.64 6.02
C THR C 198 -11.08 20.43 6.96
N GLU C 199 -11.79 19.38 6.55
CA GLU C 199 -11.89 18.15 7.32
C GLU C 199 -10.93 17.08 6.84
N HIS C 200 -10.09 17.38 5.86
CA HIS C 200 -9.08 16.46 5.35
C HIS C 200 -7.68 16.81 5.83
N GLU C 201 -7.54 17.74 6.77
CA GLU C 201 -6.23 18.12 7.25
C GLU C 201 -5.64 17.10 8.21
N LYS C 202 -6.49 16.43 8.99
CA LYS C 202 -6.06 15.39 9.92
C LYS C 202 -6.27 13.99 9.36
N LEU C 203 -6.34 13.85 8.04
CA LEU C 203 -6.62 12.57 7.41
C LEU C 203 -5.36 11.74 7.18
N ILE C 204 -4.27 12.38 6.75
CA ILE C 204 -3.05 11.64 6.44
C ILE C 204 -2.46 11.03 7.71
N GLN C 205 -2.49 11.77 8.82
CA GLN C 205 -1.94 11.24 10.07
C GLN C 205 -2.84 10.17 10.67
N ASP C 206 -4.14 10.19 10.37
CA ASP C 206 -5.02 9.14 10.86
C ASP C 206 -4.84 7.86 10.08
N LEU C 207 -4.40 7.95 8.83
CA LEU C 207 -4.27 6.77 7.97
C LEU C 207 -2.86 6.18 8.00
N TYR C 208 -1.86 6.98 7.64
CA TYR C 208 -0.52 6.47 7.36
C TYR C 208 0.44 6.55 8.53
N ARG C 209 0.12 7.32 9.57
CA ARG C 209 1.09 7.60 10.63
C ARG C 209 0.95 6.58 11.77
N GLY C 210 2.05 5.92 12.10
CA GLY C 210 2.10 5.04 13.24
C GLY C 210 3.03 5.56 14.32
N THR C 211 2.92 5.03 15.53
CA THR C 211 3.68 5.52 16.68
C THR C 211 4.61 4.43 17.19
N MET C 212 5.88 4.76 17.35
CA MET C 212 6.88 3.88 17.96
C MET C 212 7.67 4.68 18.98
N GLU C 213 8.57 3.98 19.69
CA GLU C 213 9.40 4.64 20.67
C GLU C 213 10.74 3.92 20.79
N ASP C 214 11.81 4.69 20.86
CA ASP C 214 13.16 4.17 21.06
C ASP C 214 13.52 4.28 22.54
N PHE C 215 14.09 3.23 23.09
CA PHE C 215 14.35 3.16 24.52
C PHE C 215 15.79 2.74 24.79
N VAL C 216 16.29 3.14 25.96
CA VAL C 216 17.54 2.63 26.51
C VAL C 216 17.25 2.20 27.94
N ALA C 217 17.48 0.91 28.23
CA ALA C 217 17.13 0.33 29.52
C ALA C 217 18.38 -0.28 30.15
N CYS C 218 18.77 0.25 31.31
CA CYS C 218 19.94 -0.23 32.01
C CYS C 218 19.61 -1.50 32.80
N LEU C 219 20.57 -2.42 32.84
CA LEU C 219 20.35 -3.69 33.54
C LEU C 219 20.61 -3.58 35.04
N LYS C 220 21.57 -2.75 35.45
CA LYS C 220 21.93 -2.67 36.85
C LYS C 220 20.86 -1.96 37.67
N CYS C 221 20.53 -0.72 37.28
CA CYS C 221 19.57 0.07 38.03
C CYS C 221 18.13 -0.17 37.60
N GLY C 222 17.90 -0.56 36.35
CA GLY C 222 16.56 -0.82 35.87
C GLY C 222 15.81 0.38 35.35
N ARG C 223 16.47 1.54 35.23
CA ARG C 223 15.81 2.73 34.74
C ARG C 223 15.76 2.72 33.21
N GLU C 224 14.84 3.51 32.65
CA GLU C 224 14.58 3.53 31.23
C GLU C 224 14.47 4.97 30.74
N SER C 225 14.94 5.21 29.51
CA SER C 225 14.84 6.50 28.86
C SER C 225 14.26 6.27 27.47
N VAL C 226 13.09 6.86 27.21
CA VAL C 226 12.37 6.61 25.97
C VAL C 226 12.11 7.93 25.25
N LYS C 227 11.95 7.83 23.93
CA LYS C 227 11.53 8.95 23.10
C LYS C 227 10.57 8.44 22.04
N THR C 228 9.49 9.17 21.81
CA THR C 228 8.43 8.75 20.91
C THR C 228 8.65 9.34 19.53
N ASP C 229 8.61 8.49 18.50
CA ASP C 229 8.73 8.91 17.11
C ASP C 229 7.52 8.43 16.32
N TYR C 230 7.23 9.16 15.25
CA TYR C 230 6.18 8.79 14.31
C TYR C 230 6.81 8.29 13.02
N PHE C 231 6.16 7.33 12.37
CA PHE C 231 6.70 6.73 11.16
C PHE C 231 5.60 6.52 10.12
N LEU C 232 5.93 6.77 8.86
CA LEU C 232 5.05 6.51 7.74
C LEU C 232 5.43 5.24 6.98
N ASP C 233 6.60 4.66 7.27
CA ASP C 233 7.08 3.48 6.57
C ASP C 233 7.68 2.52 7.58
N LEU C 234 7.84 1.27 7.16
CA LEU C 234 8.60 0.27 7.91
C LEU C 234 9.84 -0.10 7.11
N PRO C 235 10.95 0.62 7.28
CA PRO C 235 12.16 0.30 6.49
C PRO C 235 12.81 -0.99 6.92
N LEU C 236 12.45 -2.10 6.29
CA LEU C 236 12.99 -3.40 6.59
C LEU C 236 14.10 -3.76 5.61
N ALA C 237 15.14 -4.40 6.10
CA ALA C 237 16.24 -4.83 5.25
C ALA C 237 16.00 -6.26 4.76
N VAL C 238 16.62 -6.59 3.63
CA VAL C 238 16.58 -7.95 3.10
C VAL C 238 17.78 -8.75 3.58
N LYS C 239 18.98 -8.19 3.39
CA LYS C 239 20.21 -8.82 3.87
C LYS C 239 21.06 -7.74 4.52
N PRO C 240 21.09 -7.68 5.85
CA PRO C 240 21.90 -6.66 6.53
C PRO C 240 23.38 -6.85 6.26
N PHE C 241 24.16 -5.84 6.64
CA PHE C 241 25.60 -5.89 6.46
C PHE C 241 26.20 -7.05 7.26
N GLY C 242 26.95 -7.90 6.56
CA GLY C 242 27.60 -9.02 7.21
C GLY C 242 26.66 -10.07 7.75
N ALA C 243 25.49 -10.24 7.14
CA ALA C 243 24.54 -11.25 7.60
C ALA C 243 24.88 -12.60 7.01
N ILE C 244 24.68 -13.65 7.81
CA ILE C 244 24.94 -15.01 7.34
C ILE C 244 23.95 -15.40 6.26
N HIS C 245 22.67 -15.07 6.45
CA HIS C 245 21.64 -15.31 5.45
C HIS C 245 20.72 -14.09 5.40
N ALA C 246 20.16 -13.86 4.22
CA ALA C 246 19.16 -12.81 4.08
C ALA C 246 17.84 -13.27 4.71
N TYR C 247 17.01 -12.30 5.07
CA TYR C 247 15.71 -12.60 5.66
C TYR C 247 14.81 -13.25 4.61
N LYS C 248 14.20 -14.37 4.97
CA LYS C 248 13.37 -15.12 4.05
C LYS C 248 11.92 -14.64 4.00
N SER C 249 11.51 -13.78 4.93
CA SER C 249 10.14 -13.31 4.98
C SER C 249 10.09 -11.90 5.52
N VAL C 250 9.02 -11.19 5.19
CA VAL C 250 8.81 -9.85 5.73
C VAL C 250 8.66 -9.90 7.24
N GLU C 251 8.02 -10.96 7.75
CA GLU C 251 7.88 -11.12 9.19
C GLU C 251 9.25 -11.27 9.86
N GLU C 252 10.18 -11.97 9.21
CA GLU C 252 11.50 -12.18 9.79
C GLU C 252 12.28 -10.86 9.85
N ALA C 253 12.22 -10.06 8.79
CA ALA C 253 12.89 -8.77 8.78
C ALA C 253 12.25 -7.81 9.78
N LEU C 254 10.94 -7.89 9.97
CA LEU C 254 10.28 -7.03 10.94
C LEU C 254 10.65 -7.41 12.36
N THR C 255 10.73 -8.72 12.64
CA THR C 255 11.12 -9.18 13.97
C THR C 255 12.55 -8.75 14.29
N ALA C 256 13.44 -8.78 13.29
CA ALA C 256 14.79 -8.28 13.50
C ALA C 256 14.81 -6.77 13.64
N PHE C 257 13.86 -6.08 13.00
CA PHE C 257 13.82 -4.62 13.09
C PHE C 257 13.53 -4.16 14.52
N VAL C 258 12.77 -4.94 15.27
CA VAL C 258 12.45 -4.61 16.65
C VAL C 258 13.34 -5.37 17.64
N GLN C 259 14.37 -6.03 17.16
CA GLN C 259 15.26 -6.77 18.04
C GLN C 259 16.11 -5.80 18.86
N PRO C 260 16.10 -5.88 20.18
CA PRO C 260 16.90 -4.95 20.99
C PRO C 260 18.38 -5.25 20.87
N GLU C 261 19.19 -4.18 20.88
CA GLU C 261 20.64 -4.30 20.87
C GLU C 261 21.17 -4.32 22.29
N LEU C 262 22.12 -5.21 22.54
CA LEU C 262 22.71 -5.36 23.87
C LEU C 262 23.97 -4.49 23.94
N LEU C 263 23.89 -3.41 24.72
CA LEU C 263 25.03 -2.52 24.92
C LEU C 263 25.86 -3.07 26.07
N ASP C 264 26.86 -3.87 25.74
CA ASP C 264 27.72 -4.49 26.73
C ASP C 264 29.15 -4.53 26.21
N GLY C 265 30.07 -5.03 27.03
CA GLY C 265 31.48 -5.11 26.66
C GLY C 265 32.13 -3.75 26.57
N SER C 266 32.70 -3.44 25.41
CA SER C 266 33.28 -2.12 25.20
C SER C 266 32.21 -1.06 24.97
N ASN C 267 31.06 -1.47 24.44
CA ASN C 267 29.99 -0.52 24.09
C ASN C 267 28.95 -0.49 25.20
N GLN C 268 29.40 -0.15 26.41
CA GLN C 268 28.49 0.02 27.53
C GLN C 268 27.75 1.35 27.42
N TYR C 269 26.77 1.55 28.29
CA TYR C 269 25.93 2.72 28.27
C TYR C 269 26.21 3.62 29.46
N MET C 270 26.29 4.92 29.22
CA MET C 270 26.49 5.92 30.27
C MET C 270 25.15 6.18 30.93
N CYS C 271 24.86 5.38 31.96
CA CYS C 271 23.57 5.46 32.64
C CYS C 271 23.51 6.68 33.55
N GLU C 272 22.36 7.37 33.53
CA GLU C 272 22.18 8.53 34.39
C GLU C 272 22.01 8.13 35.84
N ASN C 273 21.31 7.01 36.10
CA ASN C 273 21.09 6.58 37.47
C ASN C 273 22.31 5.85 38.03
N CYS C 274 22.98 5.06 37.21
CA CYS C 274 24.18 4.35 37.67
C CYS C 274 25.44 5.21 37.60
N LYS C 275 25.39 6.35 36.90
CA LYS C 275 26.48 7.32 36.82
C LYS C 275 27.77 6.73 36.26
N SER C 276 27.70 5.56 35.63
CA SER C 276 28.89 4.91 35.08
C SER C 276 28.47 4.04 33.90
N LYS C 277 29.45 3.44 33.25
CA LYS C 277 29.18 2.58 32.11
C LYS C 277 28.63 1.24 32.60
N GLN C 278 27.45 0.87 32.11
CA GLN C 278 26.78 -0.35 32.51
C GLN C 278 26.19 -1.04 31.28
N ASP C 279 25.89 -2.32 31.43
CA ASP C 279 25.18 -3.05 30.39
C ASP C 279 23.75 -2.52 30.27
N ALA C 280 23.24 -2.53 29.04
CA ALA C 280 21.93 -1.96 28.79
C ALA C 280 21.33 -2.56 27.52
N HIS C 281 20.05 -2.28 27.31
CA HIS C 281 19.33 -2.65 26.10
C HIS C 281 18.88 -1.38 25.38
N LYS C 282 19.01 -1.38 24.05
CA LYS C 282 18.60 -0.24 23.24
C LYS C 282 17.97 -0.77 21.96
N GLY C 283 16.73 -0.39 21.71
CA GLY C 283 16.05 -0.84 20.51
C GLY C 283 14.77 -0.06 20.29
N LEU C 284 14.04 -0.46 19.25
CA LEU C 284 12.78 0.16 18.89
C LEU C 284 11.63 -0.76 19.24
N ARG C 285 10.48 -0.17 19.55
CA ARG C 285 9.27 -0.93 19.81
C ARG C 285 8.06 -0.10 19.39
N ILE C 286 7.13 -0.76 18.71
CA ILE C 286 5.99 -0.08 18.11
C ILE C 286 4.82 -0.08 19.09
N THR C 287 4.19 1.08 19.25
CA THR C 287 3.03 1.21 20.12
C THR C 287 1.72 1.35 19.35
N GLN C 288 1.77 1.76 18.09
CA GLN C 288 0.57 1.86 17.27
C GLN C 288 0.96 1.69 15.81
N PHE C 289 0.29 0.76 15.13
CA PHE C 289 0.55 0.59 13.71
C PHE C 289 -0.33 1.52 12.89
N PRO C 290 0.15 1.95 11.73
CA PRO C 290 -0.68 2.82 10.88
C PRO C 290 -1.87 2.05 10.31
N TYR C 291 -2.94 2.80 9.99
CA TYR C 291 -4.09 2.19 9.34
C TYR C 291 -3.73 1.67 7.96
N LEU C 292 -2.99 2.46 7.19
CA LEU C 292 -2.46 2.03 5.89
C LEU C 292 -0.98 1.74 6.08
N LEU C 293 -0.65 0.45 6.21
CA LEU C 293 0.72 0.05 6.47
C LEU C 293 1.54 0.08 5.19
N THR C 294 2.68 0.77 5.23
CA THR C 294 3.63 0.82 4.12
C THR C 294 4.93 0.18 4.57
N ILE C 295 5.39 -0.82 3.82
CA ILE C 295 6.61 -1.55 4.14
C ILE C 295 7.60 -1.32 3.01
N GLN C 296 8.76 -0.77 3.36
CA GLN C 296 9.85 -0.55 2.40
C GLN C 296 10.88 -1.66 2.57
N LEU C 297 11.21 -2.33 1.46
CA LEU C 297 12.18 -3.42 1.45
C LEU C 297 13.47 -2.90 0.84
N LYS C 298 14.51 -2.76 1.66
CA LYS C 298 15.79 -2.22 1.20
C LYS C 298 16.49 -3.25 0.33
N ARG C 299 16.03 -3.35 -0.92
CA ARG C 299 16.73 -4.13 -1.92
C ARG C 299 17.67 -3.29 -2.78
N PHE C 300 17.33 -2.03 -3.01
CA PHE C 300 18.18 -1.12 -3.77
C PHE C 300 19.19 -0.45 -2.86
N ASP C 301 20.44 -0.41 -3.30
CA ASP C 301 21.50 0.27 -2.58
C ASP C 301 22.47 0.85 -3.59
N PHE C 302 23.19 1.90 -3.18
CA PHE C 302 24.14 2.57 -4.05
C PHE C 302 25.55 2.21 -3.62
N ASP C 303 26.29 1.56 -4.51
CA ASP C 303 27.69 1.23 -4.27
C ASP C 303 28.56 2.36 -4.78
N TYR C 304 29.43 2.87 -3.90
CA TYR C 304 30.30 3.98 -4.28
C TYR C 304 31.58 3.53 -4.97
N ASN C 305 31.84 2.22 -5.04
CA ASN C 305 33.04 1.70 -5.68
C ASN C 305 32.78 1.10 -7.05
N THR C 306 31.53 1.17 -7.54
CA THR C 306 31.22 0.59 -8.84
C THR C 306 31.29 1.63 -9.97
N MET C 307 30.57 2.76 -9.86
CA MET C 307 29.58 3.21 -8.87
C MET C 307 28.18 3.24 -9.49
N HIS C 308 27.50 2.10 -9.43
CA HIS C 308 26.16 1.94 -9.96
C HIS C 308 25.25 1.41 -8.85
N ARG C 309 23.95 1.49 -9.09
CA ARG C 309 22.99 0.89 -8.18
C ARG C 309 23.14 -0.62 -8.17
N ILE C 310 22.86 -1.23 -7.02
CA ILE C 310 22.87 -2.68 -6.87
C ILE C 310 21.57 -3.09 -6.18
N LYS C 311 21.08 -4.28 -6.54
CA LYS C 311 19.81 -4.77 -6.05
C LYS C 311 19.97 -6.17 -5.48
N LEU C 312 19.44 -6.38 -4.28
CA LEU C 312 19.43 -7.71 -3.68
C LEU C 312 18.34 -8.56 -4.32
N ASN C 313 18.65 -9.84 -4.54
CA ASN C 313 17.73 -10.75 -5.21
C ASN C 313 17.38 -11.95 -4.34
N ASP C 314 17.52 -11.82 -3.02
CA ASP C 314 17.20 -12.93 -2.13
C ASP C 314 15.68 -13.07 -1.99
N LYS C 315 15.23 -14.32 -1.92
CA LYS C 315 13.80 -14.60 -1.88
C LYS C 315 13.22 -14.25 -0.52
N MET C 316 12.40 -13.21 -0.46
CA MET C 316 11.67 -12.83 0.74
C MET C 316 10.18 -12.88 0.45
N THR C 317 9.42 -13.47 1.38
CA THR C 317 7.99 -13.70 1.19
C THR C 317 7.17 -12.67 1.95
N PHE C 318 5.89 -12.59 1.57
CA PHE C 318 4.92 -11.73 2.24
C PHE C 318 3.52 -12.26 1.95
N PRO C 319 2.65 -12.35 2.96
CA PRO C 319 1.32 -12.92 2.71
C PRO C 319 0.27 -11.87 2.43
N ASP C 320 -0.95 -12.32 2.10
CA ASP C 320 -2.06 -11.39 1.93
C ASP C 320 -2.67 -10.98 3.27
N VAL C 321 -2.55 -11.84 4.28
CA VAL C 321 -3.02 -11.56 5.63
C VAL C 321 -1.79 -11.45 6.52
N LEU C 322 -1.52 -10.25 7.02
CA LEU C 322 -0.36 -9.99 7.85
C LEU C 322 -0.81 -9.77 9.29
N ASP C 323 -0.22 -10.53 10.21
CA ASP C 323 -0.56 -10.46 11.64
C ASP C 323 0.51 -9.67 12.35
N LEU C 324 0.13 -8.51 12.90
CA LEU C 324 1.06 -7.59 13.53
C LEU C 324 0.71 -7.33 15.00
N ASN C 325 0.10 -8.31 15.65
CA ASN C 325 -0.30 -8.14 17.05
C ASN C 325 0.78 -8.55 18.04
N ASP C 326 1.62 -9.51 17.68
CA ASP C 326 2.70 -9.94 18.57
C ASP C 326 3.79 -8.89 18.74
N TYR C 327 3.77 -7.82 17.94
CA TYR C 327 4.79 -6.79 18.00
C TYR C 327 4.35 -5.56 18.79
N VAL C 328 3.16 -5.58 19.36
CA VAL C 328 2.68 -4.46 20.17
C VAL C 328 2.86 -4.76 21.65
N CYS C 382 3.18 -20.91 2.73
CA CYS C 382 2.97 -19.47 2.62
C CYS C 382 2.42 -19.09 1.25
N VAL C 383 1.09 -19.06 1.14
CA VAL C 383 0.41 -18.71 -0.10
C VAL C 383 -0.65 -17.67 0.28
N GLY C 384 -0.37 -16.40 -0.02
CA GLY C 384 -1.32 -15.35 0.27
C GLY C 384 -2.07 -14.88 -0.96
N GLN C 385 -1.36 -14.83 -2.09
CA GLN C 385 -1.79 -14.27 -3.37
C GLN C 385 -3.25 -14.55 -3.75
N PRO C 386 -3.77 -15.79 -3.56
CA PRO C 386 -5.19 -16.02 -3.90
C PRO C 386 -6.15 -15.24 -3.01
N ILE C 387 -7.44 -15.57 -3.13
CA ILE C 387 -8.47 -14.87 -2.39
C ILE C 387 -8.33 -15.18 -0.90
N ASP C 388 -8.58 -14.17 -0.07
CA ASP C 388 -8.38 -14.29 1.37
C ASP C 388 -9.59 -14.94 2.04
N HIS C 389 -9.31 -15.73 3.06
CA HIS C 389 -10.36 -16.35 3.87
C HIS C 389 -10.79 -15.38 4.96
N ALA C 390 -12.07 -14.96 4.91
CA ALA C 390 -12.60 -14.10 5.96
C ALA C 390 -12.71 -14.83 7.29
N ALA C 391 -12.81 -16.15 7.27
CA ALA C 391 -12.92 -16.91 8.52
C ALA C 391 -11.60 -16.88 9.29
N VAL C 392 -10.48 -17.09 8.61
CA VAL C 392 -9.19 -17.04 9.30
C VAL C 392 -8.88 -15.62 9.71
N ASP C 393 -9.43 -14.62 9.02
CA ASP C 393 -9.30 -13.25 9.48
C ASP C 393 -10.02 -13.04 10.80
N ASP C 394 -11.21 -13.64 10.94
CA ASP C 394 -11.94 -13.56 12.20
C ASP C 394 -11.21 -14.33 13.31
N ILE C 395 -10.54 -15.42 12.97
CA ILE C 395 -9.79 -16.17 13.97
C ILE C 395 -8.62 -15.35 14.48
N VAL C 396 -7.85 -14.74 13.56
CA VAL C 396 -6.74 -13.89 13.98
C VAL C 396 -7.26 -12.68 14.74
N LYS C 397 -8.45 -12.18 14.37
CA LYS C 397 -9.03 -11.07 15.11
C LYS C 397 -9.41 -11.48 16.53
N THR C 398 -9.79 -12.74 16.73
CA THR C 398 -10.01 -13.23 18.09
C THR C 398 -8.71 -13.40 18.86
N SER C 399 -7.57 -13.40 18.16
CA SER C 399 -6.26 -13.53 18.77
C SER C 399 -5.38 -12.32 18.49
N GLY C 400 -5.98 -11.14 18.37
CA GLY C 400 -5.26 -9.91 18.11
C GLY C 400 -6.02 -8.99 17.16
N ASP C 401 -5.87 -7.68 17.38
CA ASP C 401 -6.67 -6.69 16.66
C ASP C 401 -5.95 -6.11 15.45
N ASN C 402 -4.64 -6.30 15.31
CA ASN C 402 -3.87 -5.70 14.21
C ASN C 402 -3.73 -6.74 13.11
N VAL C 403 -4.68 -6.74 12.18
CA VAL C 403 -4.68 -7.60 11.01
C VAL C 403 -4.70 -6.72 9.76
N TYR C 404 -3.87 -7.05 8.78
CA TYR C 404 -3.69 -6.21 7.60
C TYR C 404 -3.83 -7.03 6.33
N GLU C 405 -4.31 -6.39 5.28
CA GLU C 405 -4.59 -7.02 4.00
C GLU C 405 -3.73 -6.42 2.91
N LEU C 406 -2.99 -7.25 2.20
CA LEU C 406 -2.14 -6.78 1.11
C LEU C 406 -3.00 -6.34 -0.08
N PHE C 407 -2.78 -5.11 -0.55
CA PHE C 407 -3.50 -4.62 -1.71
C PHE C 407 -2.62 -3.99 -2.78
N SER C 408 -1.33 -3.77 -2.51
CA SER C 408 -0.42 -3.21 -3.51
C SER C 408 0.97 -3.80 -3.33
N VAL C 409 1.54 -4.28 -4.43
CA VAL C 409 2.87 -4.89 -4.44
C VAL C 409 3.65 -4.20 -5.56
N MET C 410 4.49 -3.23 -5.20
CA MET C 410 5.25 -2.47 -6.17
C MET C 410 6.59 -3.15 -6.41
N VAL C 411 6.80 -3.62 -7.64
CA VAL C 411 7.92 -4.49 -7.97
C VAL C 411 8.81 -3.83 -9.02
N HIS C 412 10.01 -4.38 -9.17
CA HIS C 412 10.97 -3.94 -10.16
C HIS C 412 11.57 -5.17 -10.84
N SER C 413 11.98 -4.97 -12.10
CA SER C 413 12.58 -6.04 -12.89
C SER C 413 13.76 -5.50 -13.68
N GLY C 414 14.83 -6.28 -13.74
CA GLY C 414 15.97 -5.94 -14.57
C GLY C 414 17.10 -5.24 -13.85
N ASN C 415 17.73 -4.28 -14.54
CA ASN C 415 18.88 -3.58 -13.99
C ASN C 415 18.45 -2.57 -12.94
N ALA C 416 19.33 -2.37 -11.94
CA ALA C 416 19.00 -1.47 -10.85
C ALA C 416 19.09 -0.01 -11.26
N ALA C 417 20.03 0.34 -12.14
CA ALA C 417 20.14 1.73 -12.57
C ALA C 417 18.95 2.15 -13.42
N GLY C 418 18.49 1.27 -14.31
CA GLY C 418 17.32 1.54 -15.13
C GLY C 418 16.20 0.59 -14.83
N GLY C 419 16.16 -0.53 -15.54
CA GLY C 419 15.16 -1.56 -15.31
C GLY C 419 13.75 -1.12 -15.69
N HIS C 420 12.79 -1.92 -15.22
CA HIS C 420 11.38 -1.69 -15.50
C HIS C 420 10.59 -1.84 -14.21
N TYR C 421 9.82 -0.80 -13.87
CA TYR C 421 9.00 -0.79 -12.67
C TYR C 421 7.53 -0.94 -13.04
N PHE C 422 6.82 -1.76 -12.27
CA PHE C 422 5.37 -1.90 -12.39
C PHE C 422 4.84 -2.42 -11.06
N ALA C 423 3.56 -2.77 -11.01
CA ALA C 423 2.93 -3.10 -9.74
C ALA C 423 1.86 -4.16 -9.94
N TYR C 424 1.63 -4.94 -8.87
CA TYR C 424 0.48 -5.83 -8.74
C TYR C 424 -0.45 -5.21 -7.71
N ILE C 425 -1.61 -4.73 -8.16
CA ILE C 425 -2.54 -4.02 -7.30
C ILE C 425 -3.88 -4.74 -7.33
N LYS C 426 -4.51 -4.85 -6.16
CA LYS C 426 -5.80 -5.52 -6.02
C LYS C 426 -6.89 -4.50 -5.78
N ASN C 427 -8.04 -4.70 -6.42
CA ASN C 427 -9.23 -3.90 -6.15
C ASN C 427 -9.90 -4.49 -4.91
N LEU C 428 -9.85 -3.74 -3.81
CA LEU C 428 -10.29 -4.29 -2.53
C LEU C 428 -11.79 -4.54 -2.47
N ASP C 429 -12.57 -4.00 -3.41
CA ASP C 429 -14.01 -4.22 -3.42
C ASP C 429 -14.39 -5.51 -4.14
N GLN C 430 -13.86 -5.72 -5.35
CA GLN C 430 -14.11 -6.94 -6.09
C GLN C 430 -13.10 -8.04 -5.79
N ASP C 431 -12.07 -7.74 -5.00
CA ASP C 431 -11.08 -8.73 -4.54
C ASP C 431 -10.43 -9.45 -5.72
N ARG C 432 -10.06 -8.69 -6.74
CA ARG C 432 -9.38 -9.23 -7.92
C ARG C 432 -8.02 -8.56 -8.06
N TRP C 433 -6.99 -9.37 -8.31
CA TRP C 433 -5.64 -8.85 -8.50
C TRP C 433 -5.40 -8.52 -9.96
N TYR C 434 -4.79 -7.36 -10.19
CA TYR C 434 -4.48 -6.90 -11.53
C TYR C 434 -3.01 -6.51 -11.61
N VAL C 435 -2.44 -6.66 -12.81
CA VAL C 435 -1.08 -6.26 -13.09
C VAL C 435 -1.12 -4.94 -13.85
N PHE C 436 -0.56 -3.90 -13.23
CA PHE C 436 -0.48 -2.57 -13.85
C PHE C 436 0.94 -2.40 -14.36
N ASN C 437 1.12 -2.55 -15.68
CA ASN C 437 2.44 -2.49 -16.32
C ASN C 437 2.36 -1.47 -17.45
N ASP C 438 2.54 -0.19 -17.10
CA ASP C 438 2.48 0.92 -18.05
C ASP C 438 1.18 0.91 -18.83
N THR C 439 1.28 0.75 -20.15
CA THR C 439 0.13 0.90 -21.04
C THR C 439 -0.84 -0.29 -20.98
N ARG C 440 -0.54 -1.32 -20.20
CA ARG C 440 -1.36 -2.53 -20.18
C ARG C 440 -1.74 -2.88 -18.76
N VAL C 441 -3.05 -3.06 -18.51
CA VAL C 441 -3.57 -3.51 -17.23
C VAL C 441 -4.34 -4.80 -17.50
N ASP C 442 -3.90 -5.90 -16.88
CA ASP C 442 -4.50 -7.21 -17.09
C ASP C 442 -4.78 -7.85 -15.74
N PHE C 443 -5.43 -9.01 -15.79
CA PHE C 443 -5.63 -9.81 -14.59
C PHE C 443 -4.31 -10.44 -14.16
N ALA C 444 -4.14 -10.58 -12.84
CA ALA C 444 -2.90 -11.08 -12.26
C ALA C 444 -3.17 -12.42 -11.59
N THR C 445 -2.54 -13.47 -12.09
CA THR C 445 -2.68 -14.78 -11.48
C THR C 445 -1.84 -14.85 -10.21
N PRO C 446 -2.26 -15.68 -9.24
CA PRO C 446 -1.46 -15.82 -8.01
C PRO C 446 -0.01 -16.23 -8.26
N LEU C 447 0.27 -16.90 -9.37
CA LEU C 447 1.65 -17.29 -9.66
C LEU C 447 2.47 -16.08 -10.08
N GLU C 448 1.87 -15.17 -10.85
CA GLU C 448 2.59 -13.96 -11.28
C GLU C 448 3.04 -13.13 -10.08
N ILE C 449 2.19 -13.03 -9.06
CA ILE C 449 2.54 -12.24 -7.88
C ILE C 449 3.42 -13.05 -6.93
N GLU C 450 3.25 -14.38 -6.89
CA GLU C 450 4.09 -15.20 -6.03
C GLU C 450 5.53 -15.24 -6.52
N LYS C 451 5.76 -15.01 -7.82
CA LYS C 451 7.12 -14.94 -8.34
C LYS C 451 7.85 -13.71 -7.80
N SER C 452 7.12 -12.68 -7.40
CA SER C 452 7.73 -11.45 -6.90
C SER C 452 8.43 -11.64 -5.55
N PHE C 453 8.42 -12.85 -4.98
CA PHE C 453 9.12 -13.08 -3.72
C PHE C 453 10.63 -13.00 -3.92
N GLY C 454 11.11 -13.27 -5.12
CA GLY C 454 12.52 -13.18 -5.43
C GLY C 454 13.15 -14.54 -5.66
N GLY C 455 14.47 -14.54 -5.78
CA GLY C 455 15.24 -15.74 -6.04
C GLY C 455 16.34 -15.44 -7.04
N HIS C 456 17.44 -16.18 -6.88
CA HIS C 456 18.60 -16.03 -7.75
C HIS C 456 18.49 -16.93 -8.98
N PRO C 457 18.49 -16.31 -10.14
CA PRO C 457 18.38 -17.03 -11.43
C PRO C 457 19.65 -17.77 -11.84
N SER C 458 19.84 -17.99 -13.14
CA SER C 458 21.00 -18.74 -13.61
C SER C 458 22.10 -17.80 -14.09
N SER C 463 17.18 -13.53 -15.31
CA SER C 463 15.76 -13.20 -15.36
C SER C 463 15.13 -13.33 -13.98
N ASN C 464 14.83 -12.19 -13.36
CA ASN C 464 14.26 -12.18 -12.02
C ASN C 464 13.58 -10.84 -11.75
N THR C 465 12.39 -10.91 -11.17
CA THR C 465 11.63 -9.75 -10.74
C THR C 465 11.26 -9.91 -9.28
N ASN C 466 11.30 -8.81 -8.53
CA ASN C 466 10.99 -8.87 -7.11
C ASN C 466 10.39 -7.54 -6.66
N ALA C 467 9.72 -7.59 -5.51
CA ALA C 467 9.00 -6.45 -4.97
C ALA C 467 9.88 -5.64 -4.03
N TYR C 468 9.75 -4.32 -4.08
CA TYR C 468 10.48 -3.43 -3.19
C TYR C 468 9.60 -2.64 -2.24
N MET C 469 8.28 -2.70 -2.38
CA MET C 469 7.38 -2.03 -1.46
C MET C 469 6.07 -2.80 -1.36
N LEU C 470 5.48 -2.77 -0.17
CA LEU C 470 4.21 -3.41 0.11
C LEU C 470 3.27 -2.39 0.73
N MET C 471 1.99 -2.47 0.38
CA MET C 471 0.96 -1.59 0.92
C MET C 471 -0.17 -2.45 1.45
N TYR C 472 -0.36 -2.43 2.76
CA TYR C 472 -1.43 -3.18 3.42
C TYR C 472 -2.46 -2.22 3.97
N ARG C 473 -3.71 -2.69 4.01
CA ARG C 473 -4.79 -1.96 4.66
C ARG C 473 -5.29 -2.75 5.86
N ARG C 474 -5.51 -2.05 6.97
CA ARG C 474 -5.93 -2.70 8.20
C ARG C 474 -7.36 -3.23 8.05
N ILE C 475 -7.56 -4.47 8.47
CA ILE C 475 -8.88 -5.10 8.39
C ILE C 475 -9.74 -4.57 9.52
N ASP C 476 -10.68 -3.69 9.17
CA ASP C 476 -11.63 -3.12 10.14
C ASP C 476 -12.96 -2.94 9.42
N PRO C 477 -13.93 -3.83 9.66
CA PRO C 477 -15.21 -3.72 8.95
C PRO C 477 -15.94 -2.41 9.20
N LYS C 478 -15.55 -1.65 10.21
CA LYS C 478 -16.16 -0.35 10.46
C LYS C 478 -15.52 0.74 9.60
N ARG C 479 -14.20 0.78 9.55
CA ARG C 479 -13.49 1.85 8.85
C ARG C 479 -13.23 1.55 7.38
N ASN C 480 -13.14 0.27 7.00
CA ASN C 480 -12.84 -0.09 5.62
C ASN C 480 -13.88 0.46 4.66
N ALA C 481 -13.53 1.55 3.99
CA ALA C 481 -14.43 2.20 3.04
C ALA C 481 -14.28 1.60 1.65
N ARG C 482 -15.38 1.58 0.91
CA ARG C 482 -15.40 1.08 -0.44
C ARG C 482 -15.20 2.22 -1.44
N PHE C 483 -14.86 1.85 -2.67
CA PHE C 483 -14.72 2.83 -3.74
C PHE C 483 -16.06 3.53 -3.98
N ILE C 484 -16.09 4.83 -3.75
CA ILE C 484 -17.29 5.62 -4.00
C ILE C 484 -17.58 5.59 -5.49
N LEU C 485 -18.66 4.91 -5.86
CA LEU C 485 -19.00 4.73 -7.26
C LEU C 485 -19.37 6.07 -7.91
N SER C 486 -19.29 6.09 -9.25
CA SER C 486 -19.63 7.29 -10.00
C SER C 486 -21.09 7.67 -9.88
N ASN C 487 -21.93 6.80 -9.34
CA ASN C 487 -23.33 7.14 -9.09
C ASN C 487 -23.51 8.07 -7.89
N GLN C 488 -22.46 8.29 -7.10
CA GLN C 488 -22.52 9.19 -5.95
C GLN C 488 -21.70 10.45 -6.15
N LEU C 489 -20.98 10.57 -7.26
CA LEU C 489 -20.17 11.76 -7.49
C LEU C 489 -21.07 12.96 -7.82
N PRO C 490 -20.77 14.13 -7.28
CA PRO C 490 -21.65 15.29 -7.50
C PRO C 490 -21.48 15.94 -8.87
N GLN C 491 -20.24 16.07 -9.33
CA GLN C 491 -19.95 16.78 -10.56
C GLN C 491 -18.70 16.18 -11.20
N HIS C 492 -18.26 16.79 -12.29
CA HIS C 492 -17.08 16.33 -13.02
C HIS C 492 -16.36 17.50 -13.69
#